data_7QFE
#
_entry.id   7QFE
#
_cell.length_a   184.897
_cell.length_b   38.642
_cell.length_c   96.213
_cell.angle_alpha   90.000
_cell.angle_beta   104.580
_cell.angle_gamma   90.000
#
_symmetry.space_group_name_H-M   'C 1 2 1'
#
loop_
_entity.id
_entity.type
_entity.pdbx_description
1 polymer 'Serum albumin'
2 non-polymer 'MYRISTIC ACID'
3 non-polymer '5-(2,5-dimethylphenoxy)-2,2-dimethylpentanoic acid'
4 non-polymer 'TRIETHYLENE GLYCOL'
5 non-polymer 'TETRAETHYLENE GLYCOL'
6 non-polymer (4S)-2-METHYL-2,4-PENTANEDIOL
7 non-polymer 'PHOSPHATE ION'
8 water water
#
_entity_poly.entity_id   1
_entity_poly.type   'polypeptide(L)'
_entity_poly.pdbx_seq_one_letter_code
;DAHKSEVAHRFKDLGEENFKALVLIAFAQYLQQCPFEDHVKLVNEVTEFAKTCVADESAENCDKSLHTLFGDKLCTVATL
RETYGEMADCCAKQEPERNECFLQHKDDNPNLPRLVRPEVDVMCTAFHDNEETFLKKYLYEIARRHPYFYAPELLFFAKR
YKAAFTECCQAADKAACLLPKLDELRDEGKASSAKQRLKCASLQKFGERAFKAWAVARLSQRFPKAEFAEVSKLVTDLTK
VHTECCHGDLLECADDRADLAKYICENQDSISSKLKECCEKPLLEKSHCIAEVENDEMPADLPSLAADFVESKDVCKNYA
EAKDVFLGMFLYEYARRHPDYSVVLLLRLAKTYETTLEKCCAAADPHECYAKVFDEFKPLVEEPQNLIKQNCELFEQLGE
YKFQNALLVRYTKKVPQVSTPTLVEVSRNLGKVGSKCCKHPEAKRMPCAEDYLSVVLNQLCVLHEKTPVSDRVTKCCTES
LVNRRPCFSALEVDETYVPKEFNAETFTFHADICTLSEKERQIKKQTALVELVKHKPKATKEQLKAVMDDFAAFVEKCCK
ADDKETCFAEEGKKLVAASQAALGL
;
_entity_poly.pdbx_strand_id   A
#
loop_
_chem_comp.id
_chem_comp.type
_chem_comp.name
_chem_comp.formula
4TX non-polymer '5-(2,5-dimethylphenoxy)-2,2-dimethylpentanoic acid' 'C15 H22 O3'
MPD non-polymer (4S)-2-METHYL-2,4-PENTANEDIOL 'C6 H14 O2'
MYR non-polymer 'MYRISTIC ACID' 'C14 H28 O2'
PG4 non-polymer 'TETRAETHYLENE GLYCOL' 'C8 H18 O5'
PGE non-polymer 'TRIETHYLENE GLYCOL' 'C6 H14 O4'
PO4 non-polymer 'PHOSPHATE ION' 'O4 P -3'
#
# COMPACT_ATOMS: atom_id res chain seq x y z
N HIS A 3 16.17 20.48 23.71
CA HIS A 3 16.64 21.54 24.67
C HIS A 3 18.12 21.26 24.98
N LYS A 4 18.42 21.19 26.28
CA LYS A 4 19.75 20.87 26.78
C LYS A 4 20.16 19.45 26.38
N SER A 5 19.24 18.47 26.41
CA SER A 5 19.61 17.08 26.10
C SER A 5 18.54 16.40 25.25
N GLU A 6 18.85 16.20 23.96
CA GLU A 6 17.94 15.64 22.97
C GLU A 6 17.56 14.20 23.38
N VAL A 7 18.54 13.39 23.79
CA VAL A 7 18.26 12.01 24.16
C VAL A 7 17.32 11.99 25.38
N ALA A 8 17.54 12.89 26.37
CA ALA A 8 16.68 12.95 27.54
C ALA A 8 15.26 13.31 27.13
N HIS A 9 15.13 14.31 26.26
CA HIS A 9 13.85 14.83 25.83
C HIS A 9 13.02 13.72 25.17
N ARG A 10 13.67 12.97 24.26
CA ARG A 10 12.99 11.89 23.54
C ARG A 10 12.58 10.78 24.50
N PHE A 11 13.45 10.48 25.48
CA PHE A 11 13.15 9.46 26.45
C PHE A 11 11.91 9.80 27.27
N LYS A 12 11.84 11.06 27.74
CA LYS A 12 10.77 11.55 28.61
C LYS A 12 9.46 11.61 27.82
N ASP A 13 9.56 11.90 26.52
CA ASP A 13 8.39 11.98 25.68
C ASP A 13 7.89 10.59 25.21
N LEU A 14 8.77 9.72 24.74
CA LEU A 14 8.27 8.46 24.20
C LEU A 14 7.88 7.52 25.34
N GLY A 15 8.62 7.58 26.47
CA GLY A 15 8.58 6.52 27.48
C GLY A 15 9.57 5.40 27.17
N GLU A 16 10.02 4.70 28.21
CA GLU A 16 11.10 3.73 28.10
C GLU A 16 10.79 2.60 27.11
N GLU A 17 9.58 2.04 27.21
CA GLU A 17 9.21 0.91 26.37
C GLU A 17 9.27 1.30 24.90
N ASN A 18 8.58 2.39 24.54
CA ASN A 18 8.59 2.87 23.16
C ASN A 18 10.01 3.21 22.69
N PHE A 19 10.79 3.88 23.55
CA PHE A 19 12.13 4.31 23.21
C PHE A 19 12.97 3.08 22.86
N LYS A 20 12.91 2.04 23.71
CA LYS A 20 13.68 0.82 23.49
C LYS A 20 13.32 0.16 22.15
N ALA A 21 12.01 0.01 21.87
CA ALA A 21 11.55 -0.60 20.63
C ALA A 21 12.00 0.20 19.39
N LEU A 22 11.96 1.54 19.50
CA LEU A 22 12.29 2.35 18.34
C LEU A 22 13.80 2.31 18.07
N VAL A 23 14.62 2.30 19.14
CA VAL A 23 16.07 2.22 19.01
C VAL A 23 16.44 0.89 18.34
N LEU A 24 15.75 -0.20 18.74
CA LEU A 24 15.99 -1.50 18.12
C LEU A 24 15.67 -1.44 16.62
N ILE A 25 14.49 -0.88 16.27
CA ILE A 25 14.14 -0.76 14.86
C ILE A 25 15.21 0.03 14.11
N ALA A 26 15.68 1.13 14.73
CA ALA A 26 16.57 2.07 14.07
C ALA A 26 17.89 1.41 13.67
N PHE A 27 18.49 0.68 14.61
CA PHE A 27 19.72 -0.05 14.36
C PHE A 27 19.49 -1.26 13.45
N ALA A 28 18.37 -1.94 13.63
CA ALA A 28 18.11 -3.11 12.79
C ALA A 28 18.14 -2.73 11.30
N GLN A 29 17.58 -1.56 10.95
CA GLN A 29 17.45 -1.14 9.58
C GLN A 29 18.80 -0.73 8.97
N TYR A 30 19.81 -0.44 9.82
CA TYR A 30 21.13 -0.08 9.32
C TYR A 30 22.12 -1.23 9.45
N LEU A 31 22.10 -1.93 10.58
CA LEU A 31 23.05 -3.02 10.78
C LEU A 31 22.32 -4.32 10.48
N GLN A 32 21.94 -4.50 9.21
CA GLN A 32 21.02 -5.55 8.77
C GLN A 32 21.55 -6.98 8.95
N GLN A 33 22.87 -7.15 9.14
CA GLN A 33 23.53 -8.46 9.16
C GLN A 33 23.93 -8.86 10.57
N CYS A 34 23.98 -7.89 11.48
CA CYS A 34 24.33 -8.21 12.84
C CYS A 34 23.19 -9.02 13.48
N PRO A 35 23.51 -10.09 14.27
CA PRO A 35 22.46 -10.94 14.84
C PRO A 35 21.74 -10.24 16.00
N PHE A 36 20.52 -10.73 16.27
CA PHE A 36 19.61 -10.17 17.26
C PHE A 36 20.30 -9.86 18.59
N GLU A 37 21.22 -10.73 19.02
CA GLU A 37 21.88 -10.58 20.31
C GLU A 37 22.72 -9.30 20.35
N ASP A 38 23.39 -8.95 19.24
CA ASP A 38 24.23 -7.76 19.18
C ASP A 38 23.36 -6.51 19.29
N HIS A 39 22.13 -6.58 18.74
CA HIS A 39 21.21 -5.46 18.78
C HIS A 39 20.67 -5.24 20.19
N VAL A 40 20.25 -6.32 20.87
CA VAL A 40 19.81 -6.17 22.26
C VAL A 40 20.90 -5.45 23.07
N LYS A 41 22.16 -5.71 22.71
CA LYS A 41 23.30 -5.10 23.40
C LYS A 41 23.34 -3.58 23.24
N LEU A 42 23.19 -3.11 21.99
CA LEU A 42 23.20 -1.68 21.68
C LEU A 42 22.03 -0.97 22.36
N VAL A 43 20.83 -1.52 22.19
CA VAL A 43 19.63 -0.98 22.81
C VAL A 43 19.89 -0.70 24.28
N ASN A 44 20.34 -1.73 25.02
CA ASN A 44 20.56 -1.63 26.46
C ASN A 44 21.65 -0.59 26.76
N GLU A 45 22.70 -0.54 25.94
CA GLU A 45 23.74 0.47 26.15
C GLU A 45 23.21 1.87 25.87
N VAL A 46 22.43 2.01 24.80
CA VAL A 46 21.89 3.31 24.49
C VAL A 46 20.91 3.72 25.59
N THR A 47 20.13 2.77 26.12
CA THR A 47 19.10 3.04 27.11
C THR A 47 19.73 3.44 28.45
N GLU A 48 20.80 2.76 28.83
CA GLU A 48 21.48 3.12 30.06
C GLU A 48 22.01 4.55 29.96
N PHE A 49 22.52 4.91 28.78
CA PHE A 49 23.07 6.26 28.65
C PHE A 49 21.95 7.30 28.72
N ALA A 50 20.83 7.01 28.05
CA ALA A 50 19.70 7.93 28.08
C ALA A 50 19.29 8.24 29.51
N LYS A 51 19.15 7.20 30.32
CA LYS A 51 18.69 7.29 31.71
C LYS A 51 19.66 8.11 32.57
N THR A 52 20.94 8.14 32.20
CA THR A 52 21.85 9.04 32.91
C THR A 52 21.51 10.50 32.59
N CYS A 53 21.06 10.77 31.35
CA CYS A 53 20.76 12.12 30.89
C CYS A 53 19.41 12.59 31.45
N VAL A 54 18.51 11.65 31.72
CA VAL A 54 17.24 11.95 32.36
C VAL A 54 17.51 12.28 33.82
N ALA A 55 18.48 11.60 34.45
CA ALA A 55 18.80 11.88 35.84
C ALA A 55 19.47 13.25 35.95
N ASP A 56 20.26 13.61 34.94
CA ASP A 56 21.07 14.82 35.02
C ASP A 56 21.44 15.27 33.61
N GLU A 57 20.69 16.27 33.12
CA GLU A 57 20.68 16.68 31.72
C GLU A 57 22.04 17.22 31.27
N SER A 58 22.89 17.55 32.24
CA SER A 58 24.21 18.10 31.96
C SER A 58 25.33 17.08 32.21
N ALA A 59 24.98 15.81 32.51
CA ALA A 59 26.00 14.78 32.52
C ALA A 59 26.71 14.69 31.17
N GLU A 60 27.85 13.99 31.16
CA GLU A 60 28.76 14.02 30.03
C GLU A 60 28.13 13.35 28.81
N ASN A 61 28.38 13.94 27.63
CA ASN A 61 27.89 13.50 26.33
C ASN A 61 26.37 13.70 26.19
N CYS A 62 25.69 14.18 27.24
CA CYS A 62 24.23 14.29 27.19
C CYS A 62 23.78 15.46 26.30
N ASP A 63 24.68 16.39 25.99
CA ASP A 63 24.32 17.50 25.12
C ASP A 63 24.59 17.19 23.65
N LYS A 64 25.19 16.05 23.32
CA LYS A 64 25.33 15.65 21.91
C LYS A 64 23.96 15.42 21.25
N SER A 65 23.92 15.72 19.95
CA SER A 65 22.76 15.46 19.12
C SER A 65 22.53 13.95 18.99
N LEU A 66 21.26 13.58 18.79
CA LEU A 66 20.89 12.19 18.60
C LEU A 66 21.49 11.65 17.30
N HIS A 67 21.59 12.47 16.25
CA HIS A 67 22.30 12.06 15.04
C HIS A 67 23.76 11.71 15.33
N THR A 68 24.41 12.56 16.12
CA THR A 68 25.80 12.32 16.51
C THR A 68 25.94 11.01 17.29
N LEU A 69 25.02 10.80 18.26
CA LEU A 69 25.13 9.63 19.14
C LEU A 69 24.86 8.36 18.34
N PHE A 70 23.89 8.44 17.43
CA PHE A 70 23.59 7.31 16.58
C PHE A 70 24.82 6.91 15.73
N GLY A 71 25.40 7.86 14.99
CA GLY A 71 26.58 7.57 14.19
C GLY A 71 27.76 7.02 15.00
N ASP A 72 28.08 7.68 16.13
CA ASP A 72 29.15 7.21 16.99
C ASP A 72 28.99 5.73 17.29
N LYS A 73 27.76 5.35 17.67
CA LYS A 73 27.49 3.99 18.08
C LYS A 73 27.59 3.05 16.89
N LEU A 74 27.12 3.51 15.71
CA LEU A 74 27.33 2.75 14.47
C LEU A 74 28.83 2.50 14.28
N CYS A 75 29.64 3.53 14.57
CA CYS A 75 31.06 3.52 14.25
C CYS A 75 31.85 2.67 15.26
N THR A 76 31.24 2.28 16.41
CA THR A 76 32.00 1.46 17.35
C THR A 76 31.80 -0.01 17.05
N VAL A 77 30.94 -0.36 16.09
CA VAL A 77 30.71 -1.78 15.85
C VAL A 77 32.00 -2.37 15.27
N ALA A 78 32.40 -3.52 15.83
CA ALA A 78 33.76 -4.01 15.62
C ALA A 78 33.93 -4.58 14.21
N THR A 79 32.92 -5.26 13.67
CA THR A 79 33.07 -5.87 12.37
C THR A 79 32.51 -4.98 11.26
N LEU A 80 32.35 -3.67 11.51
CA LEU A 80 31.75 -2.74 10.55
C LEU A 80 32.44 -2.82 9.19
N ARG A 81 33.78 -2.68 9.16
CA ARG A 81 34.49 -2.75 7.88
C ARG A 81 34.39 -4.15 7.28
N GLU A 82 34.59 -5.18 8.11
CA GLU A 82 34.56 -6.57 7.68
C GLU A 82 33.25 -6.86 6.96
N THR A 83 32.11 -6.45 7.54
CA THR A 83 30.81 -6.96 7.14
C THR A 83 30.15 -6.07 6.09
N TYR A 84 30.21 -4.74 6.28
CA TYR A 84 29.44 -3.79 5.48
C TYR A 84 30.34 -3.02 4.50
N GLY A 85 31.67 -3.18 4.60
CA GLY A 85 32.60 -2.64 3.61
C GLY A 85 32.59 -1.11 3.54
N GLU A 86 31.99 -0.59 2.47
CA GLU A 86 31.96 0.81 2.15
C GLU A 86 31.33 1.65 3.27
N MET A 87 30.37 1.05 4.01
CA MET A 87 29.68 1.77 5.07
C MET A 87 30.68 2.28 6.11
N ALA A 88 31.75 1.52 6.36
CA ALA A 88 32.71 1.86 7.39
C ALA A 88 33.47 3.15 7.05
N ASP A 89 33.61 3.48 5.76
CA ASP A 89 34.30 4.69 5.35
C ASP A 89 33.51 5.95 5.71
N CYS A 90 32.22 5.80 6.08
CA CYS A 90 31.45 6.95 6.54
C CYS A 90 32.02 7.49 7.86
N CYS A 91 32.58 6.60 8.68
CA CYS A 91 33.12 6.94 9.98
C CYS A 91 34.33 7.88 9.89
N ALA A 92 34.99 7.92 8.72
CA ALA A 92 36.11 8.84 8.50
C ALA A 92 35.67 10.27 8.23
N LYS A 93 34.36 10.56 8.26
CA LYS A 93 33.86 11.91 7.95
C LYS A 93 33.40 12.65 9.21
N GLN A 94 33.44 13.99 9.14
CA GLN A 94 32.81 14.83 10.15
C GLN A 94 31.30 14.95 9.87
N GLU A 95 30.54 15.15 10.95
CA GLU A 95 29.11 15.48 10.84
C GLU A 95 29.01 16.86 10.19
N PRO A 96 27.98 17.18 9.36
CA PRO A 96 26.90 16.25 8.98
C PRO A 96 27.11 15.37 7.74
N GLU A 97 28.28 15.43 7.11
CA GLU A 97 28.61 14.58 5.95
C GLU A 97 28.57 13.09 6.34
N ARG A 98 28.89 12.76 7.59
CA ARG A 98 28.87 11.38 8.07
C ARG A 98 27.44 10.83 8.08
N ASN A 99 26.50 11.63 8.65
CA ASN A 99 25.09 11.29 8.66
C ASN A 99 24.60 11.02 7.23
N GLU A 100 24.88 11.95 6.32
CA GLU A 100 24.48 11.84 4.93
C GLU A 100 25.11 10.60 4.29
N CYS A 101 26.33 10.26 4.68
CA CYS A 101 27.00 9.09 4.11
C CYS A 101 26.29 7.78 4.48
N PHE A 102 25.82 7.66 5.73
CA PHE A 102 25.09 6.46 6.17
C PHE A 102 23.77 6.29 5.42
N LEU A 103 23.09 7.39 5.08
CA LEU A 103 21.81 7.28 4.38
C LEU A 103 21.94 6.56 3.03
N GLN A 104 23.11 6.62 2.39
CA GLN A 104 23.27 6.12 1.04
C GLN A 104 23.59 4.63 0.99
N HIS A 105 23.91 4.04 2.15
CA HIS A 105 24.50 2.70 2.19
C HIS A 105 23.59 1.66 2.85
N LYS A 106 22.26 1.89 2.94
CA LYS A 106 21.40 0.79 3.38
C LYS A 106 21.28 -0.21 2.24
N ASP A 107 20.42 -1.24 2.43
CA ASP A 107 20.30 -2.31 1.46
C ASP A 107 18.82 -2.64 1.28
N ASP A 108 18.27 -2.29 0.11
CA ASP A 108 16.89 -2.59 -0.24
C ASP A 108 16.66 -4.10 -0.31
N ASN A 109 17.66 -4.83 -0.81
CA ASN A 109 17.54 -6.27 -0.96
C ASN A 109 18.65 -6.95 -0.16
N PRO A 110 18.51 -7.12 1.18
CA PRO A 110 19.47 -7.94 1.92
C PRO A 110 19.03 -9.36 1.61
N ASN A 111 20.00 -10.18 1.16
CA ASN A 111 19.64 -11.49 0.61
C ASN A 111 19.56 -12.48 1.76
N LEU A 112 18.51 -12.30 2.57
CA LEU A 112 18.24 -13.02 3.80
C LEU A 112 17.18 -14.08 3.49
N PRO A 113 17.15 -15.24 4.19
CA PRO A 113 16.11 -16.23 3.96
C PRO A 113 14.72 -15.75 4.33
N ARG A 114 13.74 -16.21 3.54
CA ARG A 114 12.32 -16.09 3.80
C ARG A 114 12.04 -16.38 5.27
N LEU A 115 11.18 -15.54 5.88
CA LEU A 115 10.69 -15.75 7.23
C LEU A 115 9.60 -16.82 7.19
N VAL A 116 9.77 -17.85 8.02
CA VAL A 116 8.88 -18.99 8.02
C VAL A 116 7.97 -18.92 9.24
N ARG A 117 6.66 -18.94 8.99
CA ARG A 117 5.68 -18.94 10.07
C ARG A 117 5.73 -20.27 10.84
N PRO A 118 6.22 -20.32 12.11
CA PRO A 118 6.22 -21.58 12.87
C PRO A 118 4.80 -22.09 13.15
N GLU A 119 4.70 -23.23 13.84
CA GLU A 119 3.38 -23.75 14.19
C GLU A 119 2.80 -22.93 15.34
N VAL A 120 1.46 -22.80 15.31
CA VAL A 120 0.72 -22.07 16.33
C VAL A 120 1.24 -22.37 17.74
N ASP A 121 1.40 -23.67 18.07
CA ASP A 121 1.74 -24.00 19.45
C ASP A 121 3.21 -23.68 19.74
N VAL A 122 4.04 -23.70 18.68
CA VAL A 122 5.43 -23.30 18.82
C VAL A 122 5.48 -21.80 19.12
N MET A 123 4.57 -21.05 18.53
CA MET A 123 4.53 -19.59 18.75
C MET A 123 3.92 -19.26 20.10
N CYS A 124 2.87 -19.98 20.51
CA CYS A 124 2.17 -19.57 21.72
C CYS A 124 2.99 -19.93 22.95
N THR A 125 3.84 -20.95 22.81
CA THR A 125 4.73 -21.34 23.90
C THR A 125 5.93 -20.40 23.93
N ALA A 126 6.34 -19.89 22.76
CA ALA A 126 7.40 -18.91 22.74
C ALA A 126 6.87 -17.59 23.30
N PHE A 127 5.61 -17.25 22.99
CA PHE A 127 5.00 -16.01 23.43
C PHE A 127 4.74 -16.03 24.94
N HIS A 128 4.37 -17.20 25.47
CA HIS A 128 4.13 -17.34 26.89
C HIS A 128 5.45 -17.27 27.66
N ASP A 129 6.49 -17.94 27.13
CA ASP A 129 7.75 -18.13 27.86
C ASP A 129 8.49 -16.80 28.04
N ASN A 130 8.93 -16.19 26.91
CA ASN A 130 9.67 -14.93 26.93
C ASN A 130 9.04 -13.97 25.93
N GLU A 131 7.96 -13.31 26.36
CA GLU A 131 7.15 -12.54 25.45
C GLU A 131 7.99 -11.47 24.74
N GLU A 132 8.80 -10.74 25.51
CA GLU A 132 9.57 -9.63 24.99
C GLU A 132 10.57 -10.16 23.96
N THR A 133 11.39 -11.13 24.34
CA THR A 133 12.31 -11.75 23.41
C THR A 133 11.59 -12.15 22.13
N PHE A 134 10.36 -12.65 22.27
CA PHE A 134 9.65 -13.22 21.14
C PHE A 134 9.16 -12.10 20.22
N LEU A 135 8.58 -11.05 20.82
CA LEU A 135 8.04 -9.94 20.02
C LEU A 135 9.18 -9.16 19.35
N LYS A 136 10.28 -8.95 20.07
CA LYS A 136 11.31 -8.05 19.59
C LYS A 136 12.18 -8.70 18.51
N LYS A 137 12.35 -10.03 18.58
CA LYS A 137 13.07 -10.77 17.55
C LYS A 137 12.33 -10.63 16.22
N TYR A 138 11.00 -10.82 16.25
CA TYR A 138 10.20 -10.61 15.06
C TYR A 138 10.20 -9.14 14.63
N LEU A 139 10.34 -8.23 15.58
CA LEU A 139 10.49 -6.83 15.23
C LEU A 139 11.80 -6.61 14.46
N TYR A 140 12.88 -7.19 14.96
CA TYR A 140 14.20 -7.18 14.35
C TYR A 140 14.15 -7.75 12.92
N GLU A 141 13.54 -8.94 12.76
CA GLU A 141 13.54 -9.63 11.47
C GLU A 141 12.83 -8.82 10.40
N ILE A 142 11.72 -8.17 10.73
CA ILE A 142 10.95 -7.37 9.73
C ILE A 142 11.74 -6.11 9.38
N ALA A 143 12.29 -5.42 10.39
CA ALA A 143 12.97 -4.14 10.14
C ALA A 143 14.20 -4.33 9.25
N ARG A 144 14.95 -5.41 9.46
CA ARG A 144 16.18 -5.68 8.66
C ARG A 144 15.81 -6.05 7.23
N ARG A 145 14.56 -6.46 7.01
CA ARG A 145 14.10 -6.86 5.66
C ARG A 145 13.37 -5.70 4.98
N HIS A 146 12.88 -4.73 5.76
CA HIS A 146 12.23 -3.52 5.19
C HIS A 146 12.95 -2.31 5.78
N PRO A 147 14.19 -2.03 5.36
CA PRO A 147 14.99 -0.99 6.02
C PRO A 147 14.51 0.44 5.81
N TYR A 148 13.54 0.61 4.88
CA TYR A 148 12.89 1.88 4.60
C TYR A 148 11.52 2.06 5.26
N PHE A 149 10.98 1.02 5.92
CA PHE A 149 9.72 1.12 6.64
C PHE A 149 9.81 2.11 7.82
N TYR A 150 8.92 3.12 7.82
CA TYR A 150 8.86 4.14 8.85
C TYR A 150 8.75 3.52 10.25
N ALA A 151 9.80 3.74 11.09
CA ALA A 151 9.96 3.02 12.33
C ALA A 151 8.70 3.07 13.21
N PRO A 152 8.09 4.24 13.49
CA PRO A 152 6.92 4.27 14.36
C PRO A 152 5.74 3.42 13.87
N GLU A 153 5.63 3.33 12.54
CA GLU A 153 4.52 2.58 11.96
C GLU A 153 4.75 1.09 12.17
N LEU A 154 6.03 0.69 12.08
CA LEU A 154 6.38 -0.68 12.34
C LEU A 154 6.08 -1.03 13.81
N LEU A 155 6.28 -0.05 14.70
CA LEU A 155 6.07 -0.31 16.10
C LEU A 155 4.57 -0.51 16.33
N PHE A 156 3.72 0.22 15.59
CA PHE A 156 2.29 0.13 15.80
C PHE A 156 1.76 -1.23 15.33
N PHE A 157 2.36 -1.75 14.25
CA PHE A 157 2.10 -3.14 13.86
C PHE A 157 2.50 -4.12 14.96
N ALA A 158 3.69 -3.95 15.52
CA ALA A 158 4.16 -4.84 16.57
C ALA A 158 3.12 -4.91 17.69
N LYS A 159 2.51 -3.78 18.03
CA LYS A 159 1.56 -3.75 19.13
C LYS A 159 0.31 -4.57 18.78
N ARG A 160 -0.06 -4.58 17.51
CA ARG A 160 -1.20 -5.37 17.04
C ARG A 160 -0.86 -6.86 17.13
N TYR A 161 0.32 -7.25 16.63
CA TYR A 161 0.78 -8.61 16.78
C TYR A 161 0.67 -9.05 18.24
N LYS A 162 1.03 -8.17 19.17
CA LYS A 162 0.95 -8.54 20.58
C LYS A 162 -0.51 -8.84 20.98
N ALA A 163 -1.44 -7.99 20.55
CA ALA A 163 -2.87 -8.16 20.82
C ALA A 163 -3.38 -9.52 20.34
N ALA A 164 -2.94 -9.94 19.16
CA ALA A 164 -3.46 -11.18 18.57
C ALA A 164 -2.99 -12.42 19.33
N PHE A 165 -1.72 -12.45 19.76
CA PHE A 165 -1.13 -13.56 20.48
C PHE A 165 -1.68 -13.62 21.91
N THR A 166 -1.85 -12.44 22.53
CA THR A 166 -2.48 -12.30 23.83
C THR A 166 -3.86 -12.93 23.84
N GLU A 167 -4.64 -12.71 22.77
CA GLU A 167 -6.03 -13.13 22.72
C GLU A 167 -6.18 -14.58 22.25
N CYS A 168 -5.33 -15.02 21.32
CA CYS A 168 -5.62 -16.28 20.68
C CYS A 168 -4.91 -17.46 21.36
N CYS A 169 -3.74 -17.21 21.96
CA CYS A 169 -3.00 -18.29 22.60
C CYS A 169 -3.70 -18.81 23.85
N GLN A 170 -4.96 -18.38 24.07
CA GLN A 170 -5.72 -18.78 25.25
C GLN A 170 -7.09 -19.34 24.83
N ALA A 171 -7.48 -19.14 23.55
CA ALA A 171 -8.77 -19.59 23.07
C ALA A 171 -8.74 -21.10 22.78
N ALA A 172 -9.92 -21.68 22.58
CA ALA A 172 -10.05 -23.13 22.46
C ALA A 172 -9.28 -23.63 21.23
N ASP A 173 -9.71 -23.13 20.06
CA ASP A 173 -9.01 -23.37 18.80
C ASP A 173 -8.06 -22.21 18.56
N LYS A 174 -6.81 -22.37 19.03
CA LYS A 174 -5.77 -21.36 18.88
C LYS A 174 -5.65 -20.95 17.40
N ALA A 175 -5.41 -21.93 16.51
CA ALA A 175 -5.13 -21.72 15.08
C ALA A 175 -6.29 -21.06 14.35
N ALA A 176 -7.52 -21.28 14.84
CA ALA A 176 -8.71 -20.70 14.24
C ALA A 176 -8.79 -19.22 14.58
N CYS A 177 -8.30 -18.87 15.77
CA CYS A 177 -8.30 -17.48 16.22
C CYS A 177 -7.17 -16.72 15.53
N LEU A 178 -5.96 -17.31 15.54
CA LEU A 178 -4.73 -16.56 15.35
C LEU A 178 -4.41 -16.40 13.88
N LEU A 179 -4.80 -17.38 13.05
CA LEU A 179 -4.23 -17.48 11.72
C LEU A 179 -4.84 -16.47 10.76
N PRO A 180 -6.16 -16.16 10.81
CA PRO A 180 -6.69 -15.07 9.99
C PRO A 180 -6.13 -13.71 10.41
N LYS A 181 -5.87 -13.53 11.71
CA LYS A 181 -5.30 -12.28 12.22
C LYS A 181 -3.89 -12.07 11.68
N LEU A 182 -3.04 -13.09 11.75
CA LEU A 182 -1.70 -13.07 11.16
C LEU A 182 -1.77 -12.78 9.66
N ASP A 183 -2.79 -13.32 8.98
CA ASP A 183 -2.95 -13.16 7.54
C ASP A 183 -3.30 -11.70 7.20
N GLU A 184 -4.20 -11.10 7.99
CA GLU A 184 -4.61 -9.72 7.78
C GLU A 184 -3.44 -8.76 8.03
N LEU A 185 -2.69 -8.99 9.10
CA LEU A 185 -1.61 -8.10 9.53
C LEU A 185 -0.51 -8.10 8.48
N ARG A 186 -0.15 -9.28 8.01
CA ARG A 186 0.90 -9.44 7.01
C ARG A 186 0.54 -8.69 5.72
N ASP A 187 -0.70 -8.88 5.23
CA ASP A 187 -1.15 -8.24 4.01
C ASP A 187 -1.16 -6.71 4.17
N GLU A 188 -1.65 -6.25 5.31
CA GLU A 188 -1.79 -4.84 5.60
C GLU A 188 -0.41 -4.20 5.75
N GLY A 189 0.55 -4.93 6.34
CA GLY A 189 1.94 -4.47 6.44
C GLY A 189 2.68 -4.44 5.10
N LYS A 190 2.39 -5.43 4.24
CA LYS A 190 2.97 -5.44 2.90
C LYS A 190 2.39 -4.30 2.05
N ALA A 191 1.09 -4.03 2.17
CA ALA A 191 0.50 -2.92 1.45
C ALA A 191 1.05 -1.58 1.95
N SER A 192 1.21 -1.44 3.26
CA SER A 192 1.73 -0.20 3.81
C SER A 192 3.17 0.04 3.30
N SER A 193 3.99 -1.00 3.29
CA SER A 193 5.37 -0.92 2.80
C SER A 193 5.43 -0.50 1.32
N ALA A 194 4.60 -1.13 0.46
CA ALA A 194 4.56 -0.79 -0.97
C ALA A 194 4.06 0.64 -1.19
N LYS A 195 3.07 1.05 -0.41
CA LYS A 195 2.51 2.39 -0.53
C LYS A 195 3.55 3.44 -0.14
N GLN A 196 4.33 3.17 0.93
CA GLN A 196 5.37 4.10 1.34
C GLN A 196 6.41 4.31 0.22
N ARG A 197 6.93 3.22 -0.35
CA ARG A 197 7.95 3.38 -1.37
C ARG A 197 7.34 3.96 -2.65
N LEU A 198 6.09 3.60 -2.93
CA LEU A 198 5.47 4.10 -4.16
C LEU A 198 5.23 5.61 -4.08
N LYS A 199 4.89 6.13 -2.90
CA LYS A 199 4.72 7.59 -2.77
C LYS A 199 6.03 8.34 -3.08
N CYS A 200 7.16 7.88 -2.53
CA CYS A 200 8.45 8.50 -2.81
C CYS A 200 8.82 8.32 -4.29
N ALA A 201 8.57 7.14 -4.86
CA ALA A 201 8.83 6.94 -6.29
C ALA A 201 7.99 7.91 -7.13
N SER A 202 6.75 8.18 -6.70
CA SER A 202 5.87 9.04 -7.46
C SER A 202 6.24 10.52 -7.32
N LEU A 203 6.75 10.91 -6.16
CA LEU A 203 7.21 12.28 -5.98
C LEU A 203 8.32 12.64 -6.98
N GLN A 204 9.29 11.74 -7.17
CA GLN A 204 10.35 11.92 -8.15
C GLN A 204 9.82 11.79 -9.58
N LYS A 205 9.01 10.76 -9.87
CA LYS A 205 8.64 10.48 -11.25
C LYS A 205 7.77 11.58 -11.85
N PHE A 206 6.85 12.11 -11.04
CA PHE A 206 5.79 12.97 -11.56
C PHE A 206 6.00 14.43 -11.20
N GLY A 207 6.73 14.72 -10.12
CA GLY A 207 7.01 16.10 -9.75
C GLY A 207 6.03 16.70 -8.73
N GLU A 208 6.38 17.91 -8.27
CA GLU A 208 5.80 18.55 -7.10
C GLU A 208 4.41 19.10 -7.43
N ARG A 209 4.21 19.51 -8.70
CA ARG A 209 2.90 20.01 -9.12
C ARG A 209 1.87 18.89 -8.95
N ALA A 210 2.21 17.70 -9.48
CA ALA A 210 1.28 16.58 -9.45
C ALA A 210 0.96 16.30 -7.98
N PHE A 211 1.98 16.35 -7.12
CA PHE A 211 1.81 16.04 -5.72
C PHE A 211 0.86 17.04 -5.05
N LYS A 212 1.02 18.33 -5.35
CA LYS A 212 0.20 19.35 -4.69
C LYS A 212 -1.25 19.20 -5.13
N ALA A 213 -1.47 18.87 -6.42
CA ALA A 213 -2.83 18.65 -6.92
C ALA A 213 -3.51 17.51 -6.16
N TRP A 214 -2.78 16.39 -6.02
CA TRP A 214 -3.34 15.23 -5.35
C TRP A 214 -3.73 15.58 -3.92
N ALA A 215 -2.85 16.33 -3.25
CA ALA A 215 -3.02 16.58 -1.81
C ALA A 215 -4.17 17.57 -1.54
N VAL A 216 -4.23 18.64 -2.33
CA VAL A 216 -5.37 19.54 -2.32
C VAL A 216 -6.67 18.73 -2.38
N ALA A 217 -6.78 17.84 -3.38
CA ALA A 217 -8.02 17.09 -3.51
C ALA A 217 -8.27 16.27 -2.25
N ARG A 218 -7.28 15.48 -1.82
CA ARG A 218 -7.49 14.60 -0.69
C ARG A 218 -7.85 15.41 0.57
N LEU A 219 -7.06 16.46 0.86
CA LEU A 219 -7.29 17.21 2.09
C LEU A 219 -8.64 17.90 2.06
N SER A 220 -9.11 18.27 0.86
CA SER A 220 -10.39 18.98 0.78
C SER A 220 -11.54 18.02 1.06
N GLN A 221 -11.35 16.72 0.77
CA GLN A 221 -12.36 15.71 1.06
C GLN A 221 -12.42 15.49 2.57
N ARG A 222 -11.26 15.51 3.23
CA ARG A 222 -11.21 15.14 4.63
C ARG A 222 -11.61 16.31 5.51
N PHE A 223 -11.26 17.52 5.06
CA PHE A 223 -11.47 18.71 5.86
C PHE A 223 -12.39 19.68 5.10
N PRO A 224 -13.63 19.27 4.75
CA PRO A 224 -14.45 20.09 3.86
C PRO A 224 -14.81 21.46 4.44
N LYS A 225 -14.77 21.63 5.77
CA LYS A 225 -15.17 22.90 6.38
C LYS A 225 -14.01 23.89 6.46
N ALA A 226 -12.78 23.43 6.20
CA ALA A 226 -11.65 24.33 6.20
C ALA A 226 -11.73 25.26 4.99
N GLU A 227 -11.07 26.43 5.09
CA GLU A 227 -11.03 27.38 4.00
C GLU A 227 -9.89 27.04 3.05
N PHE A 228 -10.04 27.43 1.79
CA PHE A 228 -9.03 27.15 0.78
C PHE A 228 -7.60 27.50 1.25
N ALA A 229 -7.44 28.66 1.89
CA ALA A 229 -6.10 29.11 2.25
C ALA A 229 -5.49 28.16 3.29
N GLU A 230 -6.32 27.63 4.18
CA GLU A 230 -5.86 26.71 5.21
C GLU A 230 -5.48 25.37 4.58
N VAL A 231 -6.31 24.87 3.67
CA VAL A 231 -6.00 23.66 2.91
C VAL A 231 -4.67 23.81 2.17
N SER A 232 -4.49 24.94 1.50
CA SER A 232 -3.29 25.21 0.72
C SER A 232 -2.06 25.38 1.61
N LYS A 233 -2.25 25.93 2.82
CA LYS A 233 -1.16 26.00 3.79
C LYS A 233 -0.76 24.60 4.27
N LEU A 234 -1.75 23.75 4.56
CA LEU A 234 -1.50 22.37 4.92
C LEU A 234 -0.73 21.64 3.80
N VAL A 235 -1.12 21.85 2.54
CA VAL A 235 -0.51 21.20 1.38
C VAL A 235 0.96 21.60 1.24
N THR A 236 1.25 22.89 1.43
CA THR A 236 2.61 23.39 1.33
C THR A 236 3.49 22.65 2.32
N ASP A 237 3.05 22.54 3.56
CA ASP A 237 3.86 21.86 4.60
C ASP A 237 4.03 20.38 4.26
N LEU A 238 2.94 19.67 3.97
CA LEU A 238 2.99 18.22 3.64
C LEU A 238 3.97 17.97 2.49
N THR A 239 4.07 18.89 1.55
CA THR A 239 5.07 18.73 0.47
C THR A 239 6.47 18.75 1.11
N LYS A 240 6.72 19.67 2.04
CA LYS A 240 8.02 19.62 2.71
C LYS A 240 8.22 18.30 3.44
N VAL A 241 7.22 17.91 4.24
CA VAL A 241 7.31 16.69 5.03
C VAL A 241 7.66 15.50 4.13
N HIS A 242 6.89 15.26 3.06
CA HIS A 242 7.10 14.10 2.20
C HIS A 242 8.49 14.16 1.57
N THR A 243 8.94 15.38 1.21
CA THR A 243 10.23 15.58 0.57
C THR A 243 11.36 15.23 1.54
N GLU A 244 11.26 15.70 2.79
CA GLU A 244 12.19 15.30 3.86
C GLU A 244 12.16 13.78 4.08
N CYS A 245 10.98 13.24 4.44
CA CYS A 245 10.83 11.81 4.67
C CYS A 245 11.43 11.00 3.51
N CYS A 246 11.17 11.37 2.26
CA CYS A 246 11.68 10.56 1.16
C CYS A 246 13.22 10.64 1.04
N HIS A 247 13.81 11.66 1.63
CA HIS A 247 15.26 11.73 1.61
C HIS A 247 15.88 10.69 2.55
N GLY A 248 15.12 10.24 3.57
CA GLY A 248 15.48 9.02 4.29
C GLY A 248 15.85 9.15 5.77
N ASP A 249 16.07 10.38 6.28
CA ASP A 249 16.54 10.58 7.65
C ASP A 249 15.38 10.43 8.66
N LEU A 250 15.41 9.38 9.49
CA LEU A 250 14.28 9.04 10.34
C LEU A 250 13.93 10.16 11.31
N LEU A 251 14.94 10.77 11.96
CA LEU A 251 14.64 11.77 12.98
C LEU A 251 14.08 13.04 12.35
N GLU A 252 14.62 13.45 11.20
CA GLU A 252 14.10 14.65 10.53
C GLU A 252 12.68 14.41 10.09
N CYS A 253 12.38 13.19 9.58
CA CYS A 253 11.03 12.85 9.14
C CYS A 253 10.06 12.91 10.31
N ALA A 254 10.49 12.39 11.46
CA ALA A 254 9.69 12.35 12.68
C ALA A 254 9.40 13.76 13.20
N ASP A 255 10.41 14.63 13.15
CA ASP A 255 10.24 16.01 13.62
C ASP A 255 9.26 16.76 12.71
N ASP A 256 9.42 16.62 11.38
CA ASP A 256 8.55 17.33 10.46
C ASP A 256 7.10 16.88 10.64
N ARG A 257 6.90 15.56 10.75
CA ARG A 257 5.57 15.02 10.97
C ARG A 257 5.00 15.50 12.31
N ALA A 258 5.78 15.44 13.40
CA ALA A 258 5.30 15.86 14.70
C ALA A 258 4.92 17.35 14.73
N ASP A 259 5.72 18.19 14.06
CA ASP A 259 5.45 19.62 13.98
C ASP A 259 4.13 19.92 13.26
N LEU A 260 3.83 19.18 12.18
CA LEU A 260 2.61 19.39 11.43
C LEU A 260 1.39 19.01 12.28
N ALA A 261 1.49 17.89 13.02
CA ALA A 261 0.43 17.43 13.89
C ALA A 261 0.12 18.46 14.98
N LYS A 262 1.17 19.15 15.48
CA LYS A 262 1.02 20.17 16.52
C LYS A 262 0.25 21.37 15.95
N TYR A 263 0.68 21.83 14.77
CA TYR A 263 -0.03 22.90 14.10
C TYR A 263 -1.51 22.58 13.95
N ILE A 264 -1.81 21.40 13.42
CA ILE A 264 -3.18 20.98 13.16
C ILE A 264 -3.97 20.92 14.47
N CYS A 265 -3.32 20.46 15.55
CA CYS A 265 -4.05 20.28 16.81
C CYS A 265 -4.33 21.61 17.51
N GLU A 266 -3.42 22.58 17.32
CA GLU A 266 -3.59 23.92 17.83
C GLU A 266 -4.52 24.72 16.92
N ASN A 267 -5.10 24.09 15.89
CA ASN A 267 -5.95 24.84 14.96
C ASN A 267 -7.18 24.03 14.55
N GLN A 268 -7.69 23.18 15.44
CA GLN A 268 -8.82 22.32 15.08
C GLN A 268 -10.03 23.12 14.63
N ASP A 269 -10.20 24.35 15.14
CA ASP A 269 -11.35 25.18 14.84
C ASP A 269 -11.38 25.56 13.36
N SER A 270 -10.19 25.69 12.73
CA SER A 270 -10.09 26.04 11.32
C SER A 270 -9.97 24.81 10.38
N ILE A 271 -9.99 23.59 10.93
CA ILE A 271 -9.66 22.42 10.14
C ILE A 271 -10.79 21.40 10.14
N SER A 272 -11.09 20.78 11.29
CA SER A 272 -12.06 19.70 11.29
C SER A 272 -12.60 19.45 12.70
N SER A 273 -13.85 19.00 12.77
CA SER A 273 -14.45 18.74 14.07
C SER A 273 -14.20 17.31 14.54
N LYS A 274 -13.42 16.51 13.79
CA LYS A 274 -13.21 15.11 14.13
C LYS A 274 -11.84 14.87 14.76
N LEU A 275 -11.10 15.91 15.16
CA LEU A 275 -9.71 15.73 15.55
C LEU A 275 -9.52 15.67 17.06
N LYS A 276 -10.58 15.88 17.84
CA LYS A 276 -10.41 16.08 19.28
C LYS A 276 -9.65 14.93 19.91
N GLU A 277 -10.06 13.70 19.58
CA GLU A 277 -9.51 12.49 20.16
C GLU A 277 -8.05 12.30 19.73
N CYS A 278 -7.76 12.45 18.43
CA CYS A 278 -6.38 12.32 18.01
C CYS A 278 -5.49 13.31 18.76
N CYS A 279 -6.06 14.49 19.09
CA CYS A 279 -5.23 15.60 19.55
C CYS A 279 -4.97 15.51 21.05
N GLU A 280 -5.50 14.44 21.67
CA GLU A 280 -5.24 14.15 23.07
C GLU A 280 -4.19 13.05 23.23
N LYS A 281 -3.88 12.35 22.12
CA LYS A 281 -2.97 11.21 22.17
C LYS A 281 -1.52 11.69 22.33
N PRO A 282 -0.61 10.81 22.80
CA PRO A 282 0.79 11.22 22.96
C PRO A 282 1.43 11.50 21.60
N LEU A 283 2.55 12.23 21.63
CA LEU A 283 3.26 12.62 20.42
C LEU A 283 3.44 11.44 19.45
N LEU A 284 3.86 10.28 19.96
CA LEU A 284 4.22 9.16 19.09
C LEU A 284 3.09 8.78 18.14
N GLU A 285 1.82 8.98 18.53
CA GLU A 285 0.65 8.45 17.82
C GLU A 285 -0.15 9.54 17.08
N LYS A 286 0.10 10.82 17.39
CA LYS A 286 -0.73 11.93 16.93
C LYS A 286 -0.81 11.99 15.41
N SER A 287 0.34 12.02 14.74
CA SER A 287 0.30 12.22 13.30
C SER A 287 -0.36 11.04 12.59
N HIS A 288 -0.06 9.82 13.05
CA HIS A 288 -0.66 8.62 12.50
C HIS A 288 -2.17 8.64 12.69
N CYS A 289 -2.62 9.00 13.90
CA CYS A 289 -4.04 9.15 14.21
C CYS A 289 -4.71 10.13 13.24
N ILE A 290 -4.09 11.27 13.01
CA ILE A 290 -4.68 12.28 12.14
C ILE A 290 -4.78 11.79 10.70
N ALA A 291 -3.81 10.99 10.23
CA ALA A 291 -3.82 10.62 8.83
C ALA A 291 -5.02 9.72 8.51
N GLU A 292 -5.65 9.18 9.55
CA GLU A 292 -6.68 8.16 9.40
C GLU A 292 -8.04 8.63 9.91
N VAL A 293 -8.10 9.84 10.48
CA VAL A 293 -9.35 10.39 10.97
C VAL A 293 -10.39 10.29 9.84
N GLU A 294 -11.66 10.14 10.20
CA GLU A 294 -12.70 10.10 9.18
C GLU A 294 -12.92 11.53 8.65
N ASN A 295 -13.57 11.59 7.48
CA ASN A 295 -13.91 12.86 6.82
C ASN A 295 -14.86 13.66 7.70
N ASP A 296 -14.67 14.98 7.73
CA ASP A 296 -15.63 15.82 8.41
C ASP A 296 -16.93 15.83 7.60
N GLU A 297 -18.05 16.10 8.28
CA GLU A 297 -19.28 16.45 7.58
C GLU A 297 -19.06 17.76 6.81
N MET A 298 -19.44 17.78 5.53
CA MET A 298 -19.29 19.00 4.71
C MET A 298 -20.29 20.06 5.17
N PRO A 299 -20.02 21.36 4.91
CA PRO A 299 -21.01 22.41 5.22
C PRO A 299 -22.30 22.15 4.47
N ALA A 300 -23.43 22.29 5.19
CA ALA A 300 -24.76 22.17 4.62
C ALA A 300 -25.01 23.30 3.61
N ASP A 301 -25.75 22.97 2.55
CA ASP A 301 -26.22 23.93 1.56
C ASP A 301 -25.02 24.73 1.02
N LEU A 302 -24.22 24.06 0.18
CA LEU A 302 -23.13 24.70 -0.53
C LEU A 302 -23.64 25.16 -1.90
N PRO A 303 -23.20 26.31 -2.44
CA PRO A 303 -23.58 26.69 -3.80
C PRO A 303 -23.24 25.64 -4.85
N SER A 304 -23.89 25.74 -6.01
CA SER A 304 -23.45 25.08 -7.23
C SER A 304 -22.11 25.67 -7.65
N LEU A 305 -21.20 24.84 -8.17
CA LEU A 305 -19.91 25.33 -8.65
C LEU A 305 -20.10 26.30 -9.81
N ALA A 306 -21.31 26.32 -10.38
CA ALA A 306 -21.58 27.15 -11.55
C ALA A 306 -21.24 28.63 -11.32
N ALA A 307 -21.63 29.18 -10.17
CA ALA A 307 -21.47 30.61 -9.91
C ALA A 307 -20.03 31.07 -10.17
N ASP A 308 -19.05 30.51 -9.44
CA ASP A 308 -17.67 31.01 -9.49
C ASP A 308 -16.90 30.44 -10.68
N PHE A 309 -17.39 29.38 -11.33
CA PHE A 309 -16.54 28.72 -12.33
C PHE A 309 -17.12 28.69 -13.75
N VAL A 310 -18.39 29.08 -13.92
CA VAL A 310 -18.97 29.17 -15.27
C VAL A 310 -19.61 30.53 -15.54
N GLU A 311 -20.52 30.97 -14.65
CA GLU A 311 -21.34 32.15 -14.88
C GLU A 311 -20.53 33.45 -14.72
N SER A 312 -19.84 33.59 -13.59
CA SER A 312 -19.13 34.81 -13.24
C SER A 312 -18.40 35.41 -14.45
N LYS A 313 -18.41 36.74 -14.51
CA LYS A 313 -17.71 37.52 -15.53
C LYS A 313 -16.18 37.33 -15.44
N ASP A 314 -15.65 37.08 -14.23
CA ASP A 314 -14.20 37.12 -14.06
C ASP A 314 -13.55 35.74 -14.07
N VAL A 315 -14.13 34.76 -14.77
CA VAL A 315 -13.52 33.43 -14.86
C VAL A 315 -12.12 33.53 -15.45
N CYS A 316 -12.01 34.09 -16.65
CA CYS A 316 -10.76 34.12 -17.40
C CYS A 316 -9.77 35.08 -16.74
N LYS A 317 -10.28 36.11 -16.07
CA LYS A 317 -9.39 37.10 -15.47
C LYS A 317 -8.82 36.53 -14.17
N ASN A 318 -9.69 35.94 -13.33
CA ASN A 318 -9.28 35.19 -12.17
C ASN A 318 -8.27 34.08 -12.51
N TYR A 319 -8.49 33.42 -13.65
CA TYR A 319 -7.68 32.27 -14.02
C TYR A 319 -6.29 32.71 -14.45
N ALA A 320 -6.19 33.76 -15.29
CA ALA A 320 -4.91 34.07 -15.93
C ALA A 320 -3.95 34.72 -14.93
N GLU A 321 -4.51 35.32 -13.87
CA GLU A 321 -3.76 35.96 -12.79
C GLU A 321 -2.88 34.93 -12.05
N ALA A 322 -3.43 33.73 -11.80
CA ALA A 322 -2.72 32.64 -11.11
C ALA A 322 -3.41 31.32 -11.47
N LYS A 323 -3.01 30.69 -12.57
CA LYS A 323 -3.72 29.50 -13.07
C LYS A 323 -3.78 28.37 -12.05
N ASP A 324 -2.65 27.97 -11.50
CA ASP A 324 -2.63 26.80 -10.57
C ASP A 324 -3.38 27.16 -9.30
N VAL A 325 -3.39 28.44 -8.91
CA VAL A 325 -4.21 28.76 -7.75
C VAL A 325 -5.68 28.61 -8.12
N PHE A 326 -6.06 29.17 -9.28
CA PHE A 326 -7.45 29.10 -9.68
C PHE A 326 -7.86 27.64 -9.92
N LEU A 327 -6.99 26.86 -10.58
CA LEU A 327 -7.28 25.44 -10.76
C LEU A 327 -7.41 24.70 -9.44
N GLY A 328 -6.61 25.08 -8.44
CA GLY A 328 -6.63 24.43 -7.14
C GLY A 328 -7.87 24.79 -6.31
N MET A 329 -8.44 25.99 -6.57
CA MET A 329 -9.71 26.36 -5.95
C MET A 329 -10.85 25.53 -6.53
N PHE A 330 -10.79 25.30 -7.84
CA PHE A 330 -11.74 24.39 -8.47
C PHE A 330 -11.63 23.02 -7.82
N LEU A 331 -10.39 22.51 -7.70
CA LEU A 331 -10.18 21.18 -7.11
C LEU A 331 -10.79 21.15 -5.70
N TYR A 332 -10.43 22.14 -4.89
CA TYR A 332 -10.94 22.30 -3.54
C TYR A 332 -12.46 22.24 -3.50
N GLU A 333 -13.11 23.08 -4.33
CA GLU A 333 -14.57 23.19 -4.29
C GLU A 333 -15.24 21.90 -4.77
N TYR A 334 -14.66 21.24 -5.78
CA TYR A 334 -15.22 19.96 -6.22
C TYR A 334 -14.98 18.83 -5.20
N ALA A 335 -13.75 18.72 -4.69
CA ALA A 335 -13.44 17.62 -3.80
C ALA A 335 -14.25 17.69 -2.50
N ARG A 336 -14.46 18.90 -1.96
CA ARG A 336 -15.17 19.01 -0.68
C ARG A 336 -16.60 18.52 -0.80
N ARG A 337 -17.21 18.67 -1.98
CA ARG A 337 -18.57 18.24 -2.23
C ARG A 337 -18.61 16.77 -2.63
N HIS A 338 -17.44 16.21 -2.99
CA HIS A 338 -17.36 14.85 -3.50
C HIS A 338 -16.34 14.00 -2.75
N PRO A 339 -16.60 13.62 -1.48
CA PRO A 339 -15.71 12.69 -0.78
C PRO A 339 -15.83 11.24 -1.26
N ASP A 340 -16.91 10.96 -2.02
CA ASP A 340 -17.13 9.66 -2.64
C ASP A 340 -16.26 9.43 -3.88
N TYR A 341 -15.55 10.44 -4.38
CA TYR A 341 -14.79 10.25 -5.60
C TYR A 341 -13.38 9.79 -5.30
N SER A 342 -12.77 9.13 -6.28
CA SER A 342 -11.35 8.90 -6.19
C SER A 342 -10.64 10.22 -6.42
N VAL A 343 -9.44 10.35 -5.87
CA VAL A 343 -8.66 11.54 -6.07
C VAL A 343 -8.35 11.71 -7.56
N VAL A 344 -8.01 10.61 -8.22
CA VAL A 344 -7.59 10.64 -9.61
C VAL A 344 -8.77 11.11 -10.48
N LEU A 345 -9.99 10.73 -10.09
CA LEU A 345 -11.15 11.21 -10.85
C LEU A 345 -11.21 12.73 -10.75
N LEU A 346 -11.01 13.25 -9.54
CA LEU A 346 -11.07 14.70 -9.37
C LEU A 346 -9.95 15.34 -10.18
N LEU A 347 -8.80 14.68 -10.32
CA LEU A 347 -7.73 15.25 -11.14
C LEU A 347 -8.10 15.24 -12.62
N ARG A 348 -8.81 14.20 -13.07
CA ARG A 348 -9.29 14.15 -14.45
C ARG A 348 -10.29 15.28 -14.73
N LEU A 349 -11.17 15.59 -13.77
CA LEU A 349 -12.11 16.70 -13.95
C LEU A 349 -11.35 18.03 -14.00
N ALA A 350 -10.38 18.22 -13.11
CA ALA A 350 -9.66 19.48 -13.03
C ALA A 350 -8.85 19.68 -14.32
N LYS A 351 -8.28 18.58 -14.83
CA LYS A 351 -7.54 18.59 -16.08
C LYS A 351 -8.49 18.92 -17.23
N THR A 352 -9.76 18.48 -17.13
CA THR A 352 -10.72 18.78 -18.19
C THR A 352 -11.03 20.27 -18.17
N TYR A 353 -11.25 20.79 -16.96
CA TYR A 353 -11.56 22.20 -16.79
C TYR A 353 -10.39 23.04 -17.30
N GLU A 354 -9.17 22.65 -16.93
CA GLU A 354 -7.96 23.34 -17.38
C GLU A 354 -7.86 23.42 -18.90
N THR A 355 -8.07 22.29 -19.57
CA THR A 355 -8.07 22.23 -21.03
C THR A 355 -9.13 23.18 -21.62
N THR A 356 -10.35 23.21 -21.04
CA THR A 356 -11.39 24.06 -21.60
C THR A 356 -11.05 25.55 -21.42
N LEU A 357 -10.55 25.94 -20.23
CA LEU A 357 -10.19 27.32 -20.01
C LEU A 357 -9.04 27.73 -20.94
N GLU A 358 -8.06 26.85 -21.16
CA GLU A 358 -6.96 27.17 -22.08
C GLU A 358 -7.51 27.49 -23.48
N LYS A 359 -8.53 26.74 -23.90
CA LYS A 359 -9.14 26.94 -25.20
C LYS A 359 -10.01 28.20 -25.19
N CYS A 360 -10.92 28.32 -24.23
CA CYS A 360 -12.02 29.26 -24.29
C CYS A 360 -11.65 30.69 -23.83
N CYS A 361 -10.62 30.82 -22.99
CA CYS A 361 -10.24 32.12 -22.44
C CYS A 361 -9.56 32.97 -23.52
N ALA A 362 -9.16 32.32 -24.62
CA ALA A 362 -8.66 33.01 -25.81
C ALA A 362 -9.81 33.45 -26.73
N ALA A 363 -11.04 32.98 -26.52
CA ALA A 363 -12.17 33.30 -27.40
C ALA A 363 -12.70 34.71 -27.15
N ALA A 364 -13.39 35.30 -28.15
CA ALA A 364 -14.03 36.60 -27.98
C ALA A 364 -15.11 36.57 -26.90
N ASP A 365 -15.90 35.49 -26.87
CA ASP A 365 -16.95 35.30 -25.88
C ASP A 365 -16.63 34.03 -25.09
N PRO A 366 -15.77 34.11 -24.05
CA PRO A 366 -15.40 32.91 -23.30
C PRO A 366 -16.65 32.24 -22.73
N HIS A 367 -17.61 33.05 -22.26
CA HIS A 367 -18.77 32.47 -21.62
C HIS A 367 -19.49 31.53 -22.60
N GLU A 368 -19.52 31.90 -23.89
CA GLU A 368 -20.23 31.11 -24.89
C GLU A 368 -19.48 29.81 -25.15
N CYS A 369 -18.15 29.88 -25.09
CA CYS A 369 -17.26 28.76 -25.41
C CYS A 369 -17.29 27.69 -24.30
N TYR A 370 -17.16 28.12 -23.04
CA TYR A 370 -16.95 27.16 -21.95
C TYR A 370 -18.29 26.87 -21.29
N ALA A 371 -19.38 27.22 -21.98
CA ALA A 371 -20.69 27.27 -21.35
C ALA A 371 -21.13 25.89 -20.90
N LYS A 372 -20.66 24.86 -21.62
CA LYS A 372 -21.16 23.50 -21.41
C LYS A 372 -20.06 22.59 -20.85
N VAL A 373 -19.22 23.12 -19.95
CA VAL A 373 -18.00 22.40 -19.58
C VAL A 373 -18.37 21.28 -18.61
N PHE A 374 -19.41 21.50 -17.79
CA PHE A 374 -19.85 20.52 -16.80
C PHE A 374 -20.48 19.29 -17.44
N ASP A 375 -21.05 19.41 -18.64
CA ASP A 375 -21.46 18.25 -19.40
C ASP A 375 -20.26 17.32 -19.66
N GLU A 376 -19.06 17.88 -19.86
CA GLU A 376 -17.90 17.05 -20.14
C GLU A 376 -17.53 16.15 -18.95
N PHE A 377 -18.10 16.39 -17.76
CA PHE A 377 -17.68 15.68 -16.55
C PHE A 377 -18.42 14.34 -16.42
N LYS A 378 -19.68 14.30 -16.88
CA LYS A 378 -20.58 13.17 -16.70
C LYS A 378 -19.94 11.86 -17.15
N PRO A 379 -19.42 11.73 -18.40
CA PRO A 379 -18.78 10.49 -18.82
C PRO A 379 -17.60 10.05 -17.95
N LEU A 380 -16.78 11.02 -17.50
CA LEU A 380 -15.62 10.71 -16.66
C LEU A 380 -16.08 10.16 -15.32
N VAL A 381 -17.15 10.74 -14.77
CA VAL A 381 -17.64 10.29 -13.48
C VAL A 381 -18.20 8.88 -13.56
N GLU A 382 -18.89 8.53 -14.65
CA GLU A 382 -19.66 7.29 -14.70
C GLU A 382 -18.84 6.08 -15.10
N GLU A 383 -17.73 6.28 -15.85
CA GLU A 383 -16.89 5.15 -16.22
C GLU A 383 -16.43 4.37 -14.98
N PRO A 384 -15.79 4.98 -13.94
CA PRO A 384 -15.40 4.24 -12.75
C PRO A 384 -16.55 3.85 -11.80
N GLN A 385 -17.66 4.62 -11.81
CA GLN A 385 -18.80 4.21 -10.99
C GLN A 385 -19.41 2.92 -11.56
N ASN A 386 -19.51 2.85 -12.88
CA ASN A 386 -20.04 1.67 -13.53
C ASN A 386 -19.13 0.46 -13.26
N LEU A 387 -17.80 0.66 -13.38
CA LEU A 387 -16.86 -0.43 -13.16
C LEU A 387 -16.96 -0.92 -11.72
N ILE A 388 -17.17 0.00 -10.78
CA ILE A 388 -17.29 -0.41 -9.38
C ILE A 388 -18.59 -1.19 -9.21
N LYS A 389 -19.72 -0.56 -9.56
CA LYS A 389 -21.01 -1.18 -9.33
C LYS A 389 -20.96 -2.62 -9.84
N GLN A 390 -20.51 -2.78 -11.09
CA GLN A 390 -20.59 -4.09 -11.74
C GLN A 390 -19.69 -5.10 -11.03
N ASN A 391 -18.40 -4.77 -10.91
CA ASN A 391 -17.44 -5.68 -10.32
C ASN A 391 -17.86 -6.07 -8.90
N CYS A 392 -18.30 -5.11 -8.09
CA CYS A 392 -18.71 -5.37 -6.72
C CYS A 392 -20.01 -6.18 -6.66
N GLU A 393 -20.79 -6.21 -7.75
CA GLU A 393 -21.97 -7.08 -7.77
C GLU A 393 -21.55 -8.54 -7.83
N LEU A 394 -20.50 -8.82 -8.63
CA LEU A 394 -19.95 -10.15 -8.81
C LEU A 394 -19.33 -10.64 -7.50
N PHE A 395 -18.62 -9.77 -6.79
CA PHE A 395 -18.01 -10.15 -5.53
C PHE A 395 -19.07 -10.50 -4.49
N GLU A 396 -20.21 -9.79 -4.52
CA GLU A 396 -21.34 -10.13 -3.66
C GLU A 396 -22.01 -11.40 -4.18
N GLN A 397 -21.74 -11.75 -5.45
CA GLN A 397 -22.46 -12.83 -6.12
C GLN A 397 -21.62 -14.11 -6.24
N LEU A 398 -20.36 -14.15 -5.76
CA LEU A 398 -19.55 -15.34 -5.94
C LEU A 398 -18.76 -15.72 -4.68
N GLY A 399 -18.41 -14.72 -3.86
CA GLY A 399 -17.44 -14.91 -2.80
C GLY A 399 -16.01 -14.82 -3.35
N GLU A 400 -15.09 -14.44 -2.46
CA GLU A 400 -13.73 -14.07 -2.78
C GLU A 400 -13.09 -15.03 -3.81
N TYR A 401 -13.05 -16.33 -3.48
CA TYR A 401 -12.40 -17.38 -4.26
C TYR A 401 -13.02 -17.50 -5.67
N LYS A 402 -14.35 -17.61 -5.77
CA LYS A 402 -14.92 -17.75 -7.10
C LYS A 402 -14.76 -16.43 -7.84
N PHE A 403 -14.71 -15.33 -7.10
CA PHE A 403 -14.55 -14.04 -7.76
C PHE A 403 -13.18 -14.04 -8.43
N GLN A 404 -12.18 -14.47 -7.63
CA GLN A 404 -10.80 -14.58 -8.07
C GLN A 404 -10.69 -15.41 -9.34
N ASN A 405 -11.48 -16.50 -9.42
CA ASN A 405 -11.41 -17.41 -10.56
C ASN A 405 -11.92 -16.72 -11.82
N ALA A 406 -12.99 -15.92 -11.65
CA ALA A 406 -13.57 -15.16 -12.74
C ALA A 406 -12.54 -14.16 -13.28
N LEU A 407 -11.74 -13.59 -12.38
CA LEU A 407 -10.74 -12.65 -12.83
C LEU A 407 -9.64 -13.37 -13.64
N LEU A 408 -9.15 -14.51 -13.14
CA LEU A 408 -8.11 -15.28 -13.82
C LEU A 408 -8.47 -15.50 -15.28
N VAL A 409 -9.73 -15.94 -15.54
CA VAL A 409 -10.19 -16.19 -16.89
C VAL A 409 -10.19 -14.88 -17.69
N ARG A 410 -10.79 -13.84 -17.11
CA ARG A 410 -10.79 -12.56 -17.81
C ARG A 410 -9.38 -12.09 -18.14
N TYR A 411 -8.45 -12.16 -17.18
CA TYR A 411 -7.17 -11.50 -17.42
C TYR A 411 -6.23 -12.36 -18.27
N THR A 412 -6.29 -13.68 -18.09
CA THR A 412 -5.55 -14.54 -19.00
C THR A 412 -6.05 -14.37 -20.43
N LYS A 413 -7.39 -14.21 -20.61
CA LYS A 413 -7.91 -14.10 -21.97
C LYS A 413 -7.41 -12.79 -22.56
N LYS A 414 -7.31 -11.75 -21.71
CA LYS A 414 -6.82 -10.44 -22.13
C LYS A 414 -5.36 -10.53 -22.56
N VAL A 415 -4.47 -10.91 -21.62
CA VAL A 415 -3.03 -10.91 -21.88
C VAL A 415 -2.48 -12.30 -21.57
N PRO A 416 -2.68 -13.31 -22.47
CA PRO A 416 -2.33 -14.69 -22.17
C PRO A 416 -0.84 -15.03 -22.14
N GLN A 417 0.02 -14.04 -22.41
CA GLN A 417 1.46 -14.25 -22.40
C GLN A 417 2.04 -14.00 -21.01
N VAL A 418 1.30 -13.32 -20.12
CA VAL A 418 1.79 -13.08 -18.78
C VAL A 418 2.07 -14.43 -18.13
N SER A 419 3.14 -14.53 -17.32
CA SER A 419 3.43 -15.77 -16.62
C SER A 419 2.21 -16.20 -15.78
N THR A 420 2.11 -17.51 -15.54
CA THR A 420 1.04 -18.04 -14.71
C THR A 420 1.16 -17.57 -13.26
N PRO A 421 2.35 -17.61 -12.61
CA PRO A 421 2.45 -17.09 -11.24
C PRO A 421 2.03 -15.63 -11.12
N THR A 422 2.44 -14.77 -12.07
CA THR A 422 2.01 -13.37 -12.01
C THR A 422 0.50 -13.24 -12.19
N LEU A 423 -0.06 -13.94 -13.18
CA LEU A 423 -1.49 -13.99 -13.40
C LEU A 423 -2.22 -14.41 -12.11
N VAL A 424 -1.64 -15.38 -11.41
CA VAL A 424 -2.27 -15.93 -10.22
C VAL A 424 -2.13 -14.97 -9.04
N GLU A 425 -0.91 -14.50 -8.77
CA GLU A 425 -0.70 -13.55 -7.69
C GLU A 425 -1.57 -12.31 -7.87
N VAL A 426 -1.58 -11.72 -9.06
CA VAL A 426 -2.26 -10.45 -9.24
C VAL A 426 -3.78 -10.65 -9.17
N SER A 427 -4.29 -11.72 -9.81
CA SER A 427 -5.72 -11.97 -9.82
C SER A 427 -6.23 -12.19 -8.39
N ARG A 428 -5.40 -12.87 -7.59
CA ARG A 428 -5.80 -13.16 -6.23
C ARG A 428 -5.83 -11.86 -5.44
N ASN A 429 -4.84 -11.01 -5.67
CA ASN A 429 -4.80 -9.71 -5.01
C ASN A 429 -6.00 -8.85 -5.42
N LEU A 430 -6.35 -8.85 -6.71
CA LEU A 430 -7.49 -8.05 -7.16
C LEU A 430 -8.75 -8.50 -6.41
N GLY A 431 -8.89 -9.82 -6.23
CA GLY A 431 -9.99 -10.38 -5.43
C GLY A 431 -10.03 -9.79 -4.02
N LYS A 432 -8.84 -9.56 -3.43
CA LYS A 432 -8.75 -9.03 -2.08
C LYS A 432 -9.08 -7.54 -2.04
N VAL A 433 -8.91 -6.85 -3.18
CA VAL A 433 -9.40 -5.49 -3.33
C VAL A 433 -10.92 -5.50 -3.23
N GLY A 434 -11.57 -6.45 -3.92
CA GLY A 434 -13.00 -6.69 -3.71
C GLY A 434 -13.39 -6.79 -2.22
N SER A 435 -12.63 -7.56 -1.43
CA SER A 435 -12.99 -7.82 -0.03
C SER A 435 -12.93 -6.54 0.80
N LYS A 436 -11.80 -5.82 0.73
CA LYS A 436 -11.57 -4.63 1.53
C LYS A 436 -12.56 -3.52 1.18
N CYS A 437 -13.17 -3.55 -0.03
CA CYS A 437 -13.79 -2.34 -0.57
C CYS A 437 -15.28 -2.51 -0.85
N CYS A 438 -15.73 -3.67 -1.36
CA CYS A 438 -17.16 -3.85 -1.66
C CYS A 438 -17.99 -3.94 -0.36
N LYS A 439 -17.30 -4.10 0.79
CA LYS A 439 -17.85 -4.13 2.12
C LYS A 439 -18.17 -2.72 2.64
N HIS A 440 -17.65 -1.70 1.93
CA HIS A 440 -17.90 -0.30 2.23
C HIS A 440 -19.18 0.14 1.52
N PRO A 441 -19.88 1.20 2.05
CA PRO A 441 -21.06 1.72 1.35
C PRO A 441 -20.54 2.43 0.11
N GLU A 442 -21.45 2.78 -0.80
CA GLU A 442 -21.10 3.51 -2.01
C GLU A 442 -20.08 4.61 -1.72
N ALA A 443 -20.39 5.49 -0.77
CA ALA A 443 -19.62 6.71 -0.56
C ALA A 443 -18.14 6.42 -0.31
N LYS A 444 -17.80 5.20 0.13
CA LYS A 444 -16.41 4.90 0.49
C LYS A 444 -15.76 3.98 -0.54
N ARG A 445 -16.48 3.66 -1.62
CA ARG A 445 -16.04 2.61 -2.51
C ARG A 445 -14.85 3.06 -3.34
N MET A 446 -15.05 4.15 -4.10
CA MET A 446 -14.06 4.57 -5.09
C MET A 446 -12.75 4.93 -4.40
N PRO A 447 -12.77 5.57 -3.21
CA PRO A 447 -11.52 5.85 -2.51
C PRO A 447 -10.83 4.56 -2.11
N CYS A 448 -11.60 3.58 -1.60
CA CYS A 448 -10.97 2.35 -1.12
C CYS A 448 -10.29 1.65 -2.30
N ALA A 449 -11.06 1.41 -3.38
CA ALA A 449 -10.55 0.76 -4.58
C ALA A 449 -9.31 1.48 -5.12
N GLU A 450 -9.28 2.83 -5.04
CA GLU A 450 -8.17 3.58 -5.59
C GLU A 450 -6.91 3.29 -4.79
N ASP A 451 -7.05 3.28 -3.45
CA ASP A 451 -5.88 3.17 -2.59
C ASP A 451 -5.17 1.83 -2.77
N TYR A 452 -5.97 0.77 -2.88
CA TYR A 452 -5.45 -0.60 -2.98
C TYR A 452 -5.10 -0.99 -4.41
N LEU A 453 -5.90 -0.53 -5.40
CA LEU A 453 -5.56 -0.74 -6.80
C LEU A 453 -4.19 -0.14 -7.12
N SER A 454 -3.85 1.00 -6.51
CA SER A 454 -2.62 1.63 -6.92
C SER A 454 -1.42 0.73 -6.60
N VAL A 455 -1.47 -0.02 -5.50
CA VAL A 455 -0.36 -0.92 -5.16
C VAL A 455 -0.45 -2.21 -5.97
N VAL A 456 -1.66 -2.76 -6.10
CA VAL A 456 -1.84 -3.99 -6.86
C VAL A 456 -1.41 -3.79 -8.32
N LEU A 457 -1.81 -2.69 -8.96
CA LEU A 457 -1.43 -2.46 -10.35
C LEU A 457 0.08 -2.13 -10.46
N ASN A 458 0.60 -1.41 -9.47
CA ASN A 458 2.03 -1.14 -9.47
C ASN A 458 2.85 -2.44 -9.39
N GLN A 459 2.49 -3.32 -8.44
CA GLN A 459 3.14 -4.62 -8.30
C GLN A 459 3.11 -5.37 -9.63
N LEU A 460 1.99 -5.27 -10.38
CA LEU A 460 1.87 -5.94 -11.67
C LEU A 460 2.86 -5.38 -12.69
N CYS A 461 3.01 -4.05 -12.68
CA CYS A 461 3.90 -3.34 -13.59
C CYS A 461 5.35 -3.67 -13.25
N VAL A 462 5.70 -3.69 -11.96
CA VAL A 462 7.07 -3.98 -11.56
C VAL A 462 7.45 -5.39 -12.00
N LEU A 463 6.55 -6.35 -11.75
CA LEU A 463 6.77 -7.71 -12.20
C LEU A 463 6.90 -7.71 -13.72
N HIS A 464 6.29 -6.72 -14.39
CA HIS A 464 6.18 -6.81 -15.84
C HIS A 464 7.41 -6.26 -16.54
N GLU A 465 8.01 -5.22 -15.96
CA GLU A 465 9.28 -4.70 -16.44
C GLU A 465 10.32 -5.82 -16.54
N LYS A 466 10.16 -6.89 -15.74
CA LYS A 466 11.25 -7.85 -15.61
C LYS A 466 10.99 -9.14 -16.39
N THR A 467 9.77 -9.30 -16.94
CA THR A 467 9.49 -10.39 -17.88
C THR A 467 8.54 -9.86 -18.95
N PRO A 468 8.96 -8.85 -19.75
CA PRO A 468 8.02 -8.09 -20.58
C PRO A 468 7.53 -8.92 -21.77
N VAL A 469 6.25 -9.32 -21.70
CA VAL A 469 5.66 -10.17 -22.74
C VAL A 469 4.69 -9.39 -23.63
N SER A 470 4.26 -8.20 -23.16
CA SER A 470 3.16 -7.50 -23.81
C SER A 470 3.48 -6.01 -23.96
N ASP A 471 3.38 -5.53 -25.22
CA ASP A 471 3.47 -4.11 -25.56
C ASP A 471 2.34 -3.31 -24.87
N ARG A 472 1.10 -3.81 -24.94
CA ARG A 472 -0.08 -3.10 -24.44
C ARG A 472 0.01 -2.89 -22.92
N VAL A 473 0.48 -3.92 -22.20
CA VAL A 473 0.71 -3.82 -20.76
C VAL A 473 1.77 -2.76 -20.46
N THR A 474 2.85 -2.74 -21.25
CA THR A 474 3.93 -1.78 -21.05
C THR A 474 3.38 -0.37 -21.27
N LYS A 475 2.58 -0.19 -22.34
CA LYS A 475 1.95 1.09 -22.62
C LYS A 475 1.19 1.60 -21.37
N CYS A 476 0.31 0.78 -20.76
CA CYS A 476 -0.44 1.27 -19.61
C CYS A 476 0.44 1.53 -18.38
N CYS A 477 1.54 0.79 -18.24
CA CYS A 477 2.42 0.94 -17.09
C CYS A 477 3.24 2.22 -17.16
N THR A 478 3.34 2.82 -18.37
CA THR A 478 4.10 4.05 -18.55
C THR A 478 3.17 5.16 -19.07
N GLU A 479 1.86 4.99 -18.92
CA GLU A 479 0.93 6.08 -19.26
C GLU A 479 1.01 7.15 -18.16
N SER A 480 0.30 8.26 -18.37
CA SER A 480 0.19 9.29 -17.35
C SER A 480 -0.42 8.75 -16.04
N LEU A 481 -0.39 9.58 -15.00
CA LEU A 481 -0.97 9.26 -13.70
C LEU A 481 -2.47 8.97 -13.84
N VAL A 482 -3.18 9.78 -14.62
CA VAL A 482 -4.63 9.69 -14.64
C VAL A 482 -5.08 8.65 -15.64
N ASN A 483 -4.19 8.29 -16.58
CA ASN A 483 -4.53 7.37 -17.66
C ASN A 483 -4.22 5.90 -17.32
N ARG A 484 -3.51 5.64 -16.23
CA ARG A 484 -2.97 4.31 -15.96
C ARG A 484 -4.09 3.28 -15.79
N ARG A 485 -4.98 3.50 -14.81
CA ARG A 485 -6.06 2.59 -14.52
C ARG A 485 -7.04 2.53 -15.71
N PRO A 486 -7.48 3.63 -16.35
CA PRO A 486 -8.37 3.50 -17.50
C PRO A 486 -7.72 2.72 -18.65
N CYS A 487 -6.41 2.86 -18.81
CA CYS A 487 -5.69 2.12 -19.85
C CYS A 487 -5.82 0.61 -19.59
N PHE A 488 -5.56 0.20 -18.35
CA PHE A 488 -5.76 -1.21 -18.02
C PHE A 488 -7.19 -1.63 -18.35
N SER A 489 -8.18 -0.82 -17.93
CA SER A 489 -9.57 -1.21 -18.04
C SER A 489 -10.00 -1.40 -19.49
N ALA A 490 -9.27 -0.77 -20.42
CA ALA A 490 -9.65 -0.70 -21.83
C ALA A 490 -9.10 -1.87 -22.66
N LEU A 491 -8.11 -2.62 -22.15
CA LEU A 491 -7.48 -3.69 -22.90
C LEU A 491 -8.51 -4.74 -23.34
N GLU A 492 -8.43 -5.13 -24.62
CA GLU A 492 -9.32 -6.14 -25.21
C GLU A 492 -8.67 -7.53 -25.11
N VAL A 493 -9.52 -8.57 -25.13
CA VAL A 493 -9.11 -9.96 -25.21
C VAL A 493 -8.16 -10.14 -26.40
N ASP A 494 -7.12 -10.97 -26.22
CA ASP A 494 -6.15 -11.26 -27.28
C ASP A 494 -6.75 -12.29 -28.25
N GLU A 495 -7.41 -11.80 -29.30
CA GLU A 495 -8.02 -12.65 -30.34
C GLU A 495 -6.93 -13.18 -31.30
N THR A 496 -5.82 -12.42 -31.47
CA THR A 496 -4.69 -12.83 -32.30
C THR A 496 -3.63 -13.54 -31.46
N TYR A 497 -4.06 -14.55 -30.68
CA TYR A 497 -3.16 -15.35 -29.87
C TYR A 497 -3.14 -16.76 -30.47
N VAL A 498 -2.15 -17.55 -30.07
CA VAL A 498 -2.02 -18.95 -30.56
C VAL A 498 -2.13 -19.87 -29.35
N PRO A 499 -3.09 -20.80 -29.33
CA PRO A 499 -3.28 -21.67 -28.19
C PRO A 499 -1.96 -22.28 -27.71
N LYS A 500 -1.77 -22.40 -26.40
CA LYS A 500 -0.49 -22.90 -25.86
C LYS A 500 -0.39 -24.40 -26.06
N GLU A 501 0.80 -24.89 -26.43
CA GLU A 501 1.03 -26.30 -26.66
C GLU A 501 0.54 -27.11 -25.46
N PHE A 502 -0.09 -28.25 -25.72
CA PHE A 502 -0.63 -29.04 -24.63
C PHE A 502 0.52 -29.76 -23.93
N ASN A 503 0.48 -29.78 -22.58
CA ASN A 503 1.40 -30.55 -21.76
C ASN A 503 0.59 -31.43 -20.82
N ALA A 504 0.76 -32.75 -20.99
CA ALA A 504 -0.02 -33.74 -20.26
C ALA A 504 0.22 -33.58 -18.76
N GLU A 505 1.48 -33.32 -18.40
CA GLU A 505 1.90 -33.29 -17.00
C GLU A 505 1.23 -32.14 -16.27
N THR A 506 1.03 -31.01 -16.99
CA THR A 506 0.49 -29.77 -16.44
C THR A 506 -0.88 -30.03 -15.81
N PHE A 507 -1.67 -30.90 -16.44
CA PHE A 507 -3.05 -31.15 -16.01
C PHE A 507 -3.13 -32.43 -15.17
N THR A 508 -1.97 -33.01 -14.84
CA THR A 508 -1.92 -34.27 -14.10
C THR A 508 -1.80 -33.97 -12.60
N PHE A 509 -2.78 -34.45 -11.84
CA PHE A 509 -2.79 -34.36 -10.39
C PHE A 509 -2.56 -35.74 -9.77
N HIS A 510 -1.81 -35.77 -8.67
CA HIS A 510 -1.37 -37.02 -8.06
C HIS A 510 -1.90 -37.13 -6.64
N ALA A 511 -3.14 -36.63 -6.43
CA ALA A 511 -3.86 -36.77 -5.16
C ALA A 511 -3.05 -36.15 -4.01
N ASP A 512 -1.85 -35.66 -4.35
CA ASP A 512 -1.13 -34.73 -3.48
C ASP A 512 -2.15 -33.67 -3.03
N ILE A 513 -3.21 -33.54 -3.83
CA ILE A 513 -4.10 -32.38 -3.82
C ILE A 513 -5.10 -32.44 -2.66
N CYS A 514 -5.42 -33.66 -2.14
CA CYS A 514 -6.53 -33.83 -1.22
C CYS A 514 -6.13 -33.46 0.21
N THR A 515 -4.79 -33.35 0.46
CA THR A 515 -4.28 -33.20 1.81
C THR A 515 -3.48 -31.92 1.96
N LEU A 516 -3.44 -31.09 0.89
CA LEU A 516 -2.75 -29.82 0.91
C LEU A 516 -3.59 -28.81 1.69
N SER A 517 -2.92 -27.83 2.33
CA SER A 517 -3.60 -26.65 2.85
C SER A 517 -4.57 -26.10 1.79
N GLU A 518 -5.68 -25.49 2.24
CA GLU A 518 -6.71 -24.99 1.33
C GLU A 518 -6.15 -23.87 0.45
N LYS A 519 -5.25 -23.07 1.04
CA LYS A 519 -4.48 -22.02 0.36
C LYS A 519 -3.76 -22.63 -0.85
N GLU A 520 -3.02 -23.74 -0.61
CA GLU A 520 -2.24 -24.36 -1.66
C GLU A 520 -3.15 -25.03 -2.69
N ARG A 521 -4.30 -25.50 -2.21
CA ARG A 521 -5.25 -26.22 -3.05
C ARG A 521 -5.86 -25.26 -4.06
N GLN A 522 -6.14 -24.04 -3.55
CA GLN A 522 -6.66 -22.95 -4.37
C GLN A 522 -5.61 -22.59 -5.44
N ILE A 523 -4.38 -22.31 -5.02
CA ILE A 523 -3.34 -21.89 -5.96
C ILE A 523 -3.16 -22.94 -7.07
N LYS A 524 -3.20 -24.23 -6.67
CA LYS A 524 -2.98 -25.32 -7.61
C LYS A 524 -4.13 -25.38 -8.62
N LYS A 525 -5.37 -25.36 -8.12
CA LYS A 525 -6.57 -25.27 -8.94
C LYS A 525 -6.48 -24.05 -9.87
N GLN A 526 -6.02 -22.91 -9.33
CA GLN A 526 -6.01 -21.63 -10.06
C GLN A 526 -4.92 -21.59 -11.13
N THR A 527 -3.73 -22.15 -10.80
CA THR A 527 -2.64 -22.34 -11.76
C THR A 527 -3.15 -23.09 -12.99
N ALA A 528 -3.84 -24.21 -12.73
CA ALA A 528 -4.30 -25.09 -13.79
C ALA A 528 -5.40 -24.40 -14.60
N LEU A 529 -6.26 -23.67 -13.88
CA LEU A 529 -7.30 -22.91 -14.57
C LEU A 529 -6.68 -21.97 -15.59
N VAL A 530 -5.58 -21.29 -15.21
CA VAL A 530 -4.86 -20.42 -16.11
C VAL A 530 -4.33 -21.24 -17.29
N GLU A 531 -3.66 -22.35 -16.99
CA GLU A 531 -3.13 -23.23 -18.01
C GLU A 531 -4.23 -23.69 -18.96
N LEU A 532 -5.37 -24.13 -18.38
CA LEU A 532 -6.55 -24.49 -19.15
C LEU A 532 -6.86 -23.40 -20.16
N VAL A 533 -6.88 -22.14 -19.69
CA VAL A 533 -7.33 -21.05 -20.55
C VAL A 533 -6.22 -20.73 -21.53
N LYS A 534 -4.97 -21.05 -21.15
CA LYS A 534 -3.83 -20.72 -22.00
C LYS A 534 -3.74 -21.63 -23.22
N HIS A 535 -4.24 -22.85 -23.08
CA HIS A 535 -4.20 -23.81 -24.18
C HIS A 535 -5.46 -23.69 -25.04
N LYS A 536 -6.61 -23.51 -24.36
CA LYS A 536 -7.91 -23.37 -24.98
C LYS A 536 -8.43 -21.95 -24.77
N PRO A 537 -7.91 -20.93 -25.50
CA PRO A 537 -8.32 -19.54 -25.28
C PRO A 537 -9.74 -19.27 -25.78
N LYS A 538 -10.23 -20.14 -26.68
CA LYS A 538 -11.45 -19.91 -27.45
C LYS A 538 -12.64 -20.57 -26.76
N ALA A 539 -12.41 -21.26 -25.63
CA ALA A 539 -13.52 -21.81 -24.88
C ALA A 539 -14.50 -20.71 -24.50
N THR A 540 -15.78 -21.08 -24.32
CA THR A 540 -16.83 -20.11 -24.05
C THR A 540 -17.18 -20.16 -22.56
N LYS A 541 -17.90 -19.13 -22.08
CA LYS A 541 -18.31 -19.00 -20.68
C LYS A 541 -18.95 -20.31 -20.16
N GLU A 542 -20.09 -20.68 -20.78
CA GLU A 542 -20.88 -21.84 -20.39
C GLU A 542 -20.14 -23.15 -20.69
N GLN A 543 -19.20 -23.09 -21.65
CA GLN A 543 -18.47 -24.24 -22.15
C GLN A 543 -17.26 -24.54 -21.25
N LEU A 544 -16.69 -23.47 -20.65
CA LEU A 544 -15.63 -23.59 -19.68
C LEU A 544 -16.22 -24.15 -18.37
N LYS A 545 -17.37 -23.60 -17.95
CA LYS A 545 -18.07 -24.04 -16.75
C LYS A 545 -18.31 -25.55 -16.80
N ALA A 546 -18.38 -26.07 -18.03
CA ALA A 546 -18.44 -27.50 -18.27
C ALA A 546 -17.16 -28.17 -17.75
N VAL A 547 -16.00 -27.80 -18.35
CA VAL A 547 -14.73 -28.44 -18.00
C VAL A 547 -14.44 -28.24 -16.50
N MET A 548 -14.84 -27.09 -15.96
CA MET A 548 -14.56 -26.75 -14.58
C MET A 548 -15.35 -27.66 -13.64
N ASP A 549 -16.59 -28.02 -14.04
CA ASP A 549 -17.49 -28.79 -13.19
C ASP A 549 -17.26 -30.31 -13.33
N ASP A 550 -16.60 -30.70 -14.44
CA ASP A 550 -16.00 -32.03 -14.58
C ASP A 550 -14.97 -32.21 -13.46
N PHE A 551 -14.04 -31.24 -13.35
CA PHE A 551 -12.96 -31.25 -12.37
C PHE A 551 -13.54 -31.20 -10.95
N ALA A 552 -14.58 -30.38 -10.78
CA ALA A 552 -15.24 -30.20 -9.50
C ALA A 552 -15.53 -31.54 -8.85
N ALA A 553 -16.29 -32.38 -9.57
CA ALA A 553 -16.71 -33.69 -9.11
C ALA A 553 -15.55 -34.68 -9.16
N PHE A 554 -14.78 -34.68 -10.28
CA PHE A 554 -13.70 -35.62 -10.51
C PHE A 554 -12.77 -35.68 -9.29
N VAL A 555 -12.18 -34.53 -8.94
CA VAL A 555 -11.14 -34.46 -7.93
C VAL A 555 -11.71 -34.89 -6.58
N GLU A 556 -13.06 -34.93 -6.48
CA GLU A 556 -13.68 -35.22 -5.19
C GLU A 556 -13.77 -36.74 -4.97
N LYS A 557 -14.09 -37.47 -6.06
CA LYS A 557 -14.34 -38.90 -6.02
C LYS A 557 -13.03 -39.69 -6.01
N CYS A 558 -12.01 -39.17 -6.70
CA CYS A 558 -10.71 -39.82 -6.74
C CYS A 558 -9.90 -39.54 -5.46
N CYS A 559 -10.45 -38.76 -4.52
CA CYS A 559 -9.74 -38.34 -3.31
C CYS A 559 -10.28 -39.09 -2.08
N LYS A 560 -11.56 -39.40 -2.09
CA LYS A 560 -12.13 -40.21 -0.98
C LYS A 560 -11.22 -41.43 -0.78
N ALA A 561 -10.63 -41.59 0.41
CA ALA A 561 -9.66 -42.67 0.68
C ALA A 561 -9.97 -43.95 -0.10
N ASP A 562 -8.95 -44.57 -0.72
CA ASP A 562 -9.09 -45.84 -1.49
C ASP A 562 -7.91 -45.89 -2.48
N ASP A 563 -8.15 -46.35 -3.71
CA ASP A 563 -7.05 -46.30 -4.70
C ASP A 563 -6.99 -44.88 -5.27
N LYS A 564 -6.65 -43.90 -4.43
CA LYS A 564 -6.55 -42.54 -4.95
C LYS A 564 -5.65 -42.58 -6.20
N GLU A 565 -4.48 -43.21 -6.04
CA GLU A 565 -3.31 -42.98 -6.88
C GLU A 565 -3.61 -43.25 -8.36
N THR A 566 -4.39 -44.32 -8.65
CA THR A 566 -4.70 -44.71 -10.02
C THR A 566 -6.07 -44.19 -10.47
N CYS A 567 -6.88 -43.66 -9.54
CA CYS A 567 -8.11 -42.97 -9.93
C CYS A 567 -7.75 -41.68 -10.65
N PHE A 568 -6.73 -40.99 -10.10
CA PHE A 568 -6.12 -39.80 -10.68
C PHE A 568 -5.24 -40.17 -11.87
N ALA A 569 -4.99 -41.47 -12.06
CA ALA A 569 -4.24 -41.94 -13.22
C ALA A 569 -5.21 -42.33 -14.34
N GLU A 570 -6.39 -42.84 -13.95
CA GLU A 570 -7.38 -43.40 -14.88
C GLU A 570 -8.35 -42.30 -15.32
N GLU A 571 -9.25 -41.92 -14.40
CA GLU A 571 -10.29 -40.91 -14.73
C GLU A 571 -9.60 -39.61 -15.19
N GLY A 572 -8.35 -39.44 -14.80
CA GLY A 572 -7.64 -38.20 -15.16
C GLY A 572 -7.48 -38.14 -16.67
N LYS A 573 -6.85 -39.17 -17.23
CA LYS A 573 -6.65 -39.22 -18.70
C LYS A 573 -8.05 -39.18 -19.31
N LYS A 574 -9.05 -39.52 -18.51
CA LYS A 574 -10.43 -39.48 -18.97
C LYS A 574 -10.93 -38.04 -18.93
N LEU A 575 -10.48 -37.26 -17.94
CA LEU A 575 -10.89 -35.87 -17.84
C LEU A 575 -10.12 -35.01 -18.84
N VAL A 576 -8.85 -35.34 -19.11
CA VAL A 576 -8.09 -34.57 -20.09
C VAL A 576 -8.73 -34.75 -21.48
N ALA A 577 -8.92 -36.01 -21.91
CA ALA A 577 -9.29 -36.35 -23.29
C ALA A 577 -10.65 -35.75 -23.68
N ALA A 578 -11.64 -35.86 -22.77
CA ALA A 578 -13.01 -35.37 -22.99
C ALA A 578 -13.00 -33.86 -23.26
N SER A 579 -12.05 -33.18 -22.63
CA SER A 579 -12.01 -31.74 -22.55
C SER A 579 -11.38 -31.15 -23.81
N GLN A 580 -10.36 -31.84 -24.37
CA GLN A 580 -9.61 -31.35 -25.55
C GLN A 580 -10.56 -31.33 -26.75
N ALA A 581 -11.26 -32.45 -26.95
CA ALA A 581 -12.23 -32.58 -28.03
C ALA A 581 -13.40 -31.62 -27.84
N ALA A 582 -13.77 -31.33 -26.57
CA ALA A 582 -14.89 -30.47 -26.21
C ALA A 582 -14.54 -28.98 -26.28
N LEU A 583 -13.29 -28.64 -26.65
CA LEU A 583 -12.84 -27.25 -26.58
C LEU A 583 -11.94 -26.88 -27.79
C1 MYR B . 5.32 11.39 14.15
O1 MYR B . 4.30 12.11 14.31
O2 MYR B . 5.51 10.69 13.15
C2 MYR B . 6.37 11.37 15.26
C3 MYR B . 6.43 10.00 15.91
C4 MYR B . 7.34 9.97 17.12
C5 MYR B . 8.78 10.04 16.80
C6 MYR B . 9.37 8.71 16.61
C7 MYR B . 10.82 8.73 16.20
C8 MYR B . 11.79 8.80 17.35
C9 MYR B . 12.49 7.52 17.55
C10 MYR B . 13.88 7.45 16.97
C11 MYR B . 14.97 7.34 18.02
C12 MYR B . 16.31 6.88 17.52
C13 MYR B . 17.36 7.08 18.59
C14 MYR B . 18.70 6.42 18.29
C1 MYR C . -9.95 5.55 -10.89
O1 MYR C . -10.73 6.53 -10.87
O2 MYR C . -9.19 5.29 -11.87
C2 MYR C . -9.89 4.68 -9.64
C3 MYR C . -10.54 3.38 -9.91
C4 MYR C . -12.01 3.38 -9.55
C5 MYR C . -12.80 2.27 -10.21
C6 MYR C . -12.10 0.94 -10.15
C7 MYR C . -13.03 -0.23 -10.24
C8 MYR C . -12.94 -1.11 -9.06
C9 MYR C . -13.23 -2.55 -9.37
C10 MYR C . -13.59 -3.38 -8.16
C11 MYR C . -12.39 -3.74 -7.31
C12 MYR C . -11.37 -4.57 -8.03
C13 MYR C . -11.88 -5.94 -8.31
C14 MYR C . -11.39 -6.49 -9.65
C8 4TX D . -4.40 -8.06 -14.55
C6 4TX D . -6.05 -5.78 -14.34
C5 4TX D . -6.94 -4.55 -14.46
C1 4TX D . -8.96 -3.35 -13.31
C9 4TX D . -3.58 -9.19 -14.71
C10 4TX D . -2.88 -9.39 -15.88
C11 4TX D . -2.99 -8.49 -16.90
O 4TX D . -10.27 -2.80 -15.30
C 4TX D . -9.80 -3.70 -14.55
O1 4TX D . -10.06 -4.89 -14.82
C2 4TX D . -8.44 -1.90 -13.39
C3 4TX D . -9.85 -3.51 -12.06
C4 4TX D . -7.77 -4.32 -13.19
O2 4TX D . -5.30 -5.94 -15.50
C7 4TX D . -4.51 -7.13 -15.59
C12 4TX D . -3.79 -7.37 -16.77
C13 4TX D . -3.86 -6.40 -17.91
C14 4TX D . -3.43 -10.24 -13.60
C1 PGE E . 5.46 -10.42 15.43
O1 PGE E . 5.88 -9.28 14.63
C2 PGE E . 5.13 -11.64 14.58
O2 PGE E . 5.28 -11.40 13.18
C3 PGE E . 5.72 -12.56 12.47
C4 PGE E . 5.35 -12.53 11.00
O4 PGE E . 2.96 -14.15 8.72
C6 PGE E . 4.20 -14.81 8.55
C5 PGE E . 5.33 -13.99 9.10
O3 PGE E . 5.14 -13.85 10.52
O1 PG4 F . 2.13 5.66 3.53
C1 PG4 F . 1.92 4.85 4.74
C2 PG4 F . 2.24 5.62 6.00
O2 PG4 F . 3.32 6.56 5.77
C3 PG4 F . 4.25 6.62 6.85
C4 PG4 F . 5.54 7.27 6.37
O3 PG4 F . 5.27 8.48 5.66
C5 PG4 F . 6.04 9.61 6.09
C6 PG4 F . 5.53 10.91 5.45
O4 PG4 F . 4.10 10.95 5.34
C7 PG4 F . 3.51 12.18 5.77
C8 PG4 F . 2.00 12.10 5.65
O5 PG4 F . 1.42 11.02 6.42
C1 MPD G . 12.66 7.11 7.62
C2 MPD G . 12.01 6.48 6.39
O2 MPD G . 11.29 5.31 6.84
CM MPD G . 13.05 6.04 5.37
C3 MPD G . 10.98 7.44 5.75
C4 MPD G . 10.15 6.70 4.70
O4 MPD G . 9.02 6.09 5.32
C5 MPD G . 9.61 7.55 3.58
C1 MPD H . -5.27 20.30 -13.65
C2 MPD H . -4.41 20.16 -12.42
O2 MPD H . -3.05 20.00 -12.82
CM MPD H . -4.78 18.90 -11.65
C3 MPD H . -4.52 21.41 -11.54
C4 MPD H . -3.44 21.56 -10.48
O4 MPD H . -2.23 21.91 -11.14
C5 MPD H . -3.73 22.63 -9.47
C1 MPD I . 7.51 -5.29 21.09
C2 MPD I . 6.42 -4.45 21.71
O2 MPD I . 5.92 -5.15 22.84
CM MPD I . 5.23 -4.30 20.78
C3 MPD I . 6.99 -3.11 22.18
C4 MPD I . 6.03 -2.12 22.80
O4 MPD I . 5.16 -2.78 23.72
C5 MPD I . 6.75 -0.98 23.49
C1 MPD J . 0.13 15.12 10.45
C2 MPD J . 0.08 14.29 9.18
O2 MPD J . -0.63 13.08 9.53
CM MPD J . 1.49 13.97 8.75
C3 MPD J . -0.71 14.98 8.08
C4 MPD J . -2.04 14.34 7.77
O4 MPD J . -2.93 15.40 7.49
C5 MPD J . -2.01 13.39 6.59
C1 MPD K . 3.33 -6.87 8.25
C2 MPD K . 4.74 -6.37 8.47
O2 MPD K . 4.90 -5.12 7.78
CM MPD K . 4.98 -6.09 9.95
C3 MPD K . 5.77 -7.34 7.90
C4 MPD K . 5.40 -7.68 6.49
O4 MPD K . 6.19 -6.87 5.61
C5 MPD K . 5.59 -9.12 6.16
C1 MPD L . 18.36 8.17 13.71
C2 MPD L . 18.60 8.23 12.21
O2 MPD L . 17.85 9.31 11.65
CM MPD L . 18.10 6.97 11.53
C3 MPD L . 20.09 8.45 11.90
C4 MPD L . 20.27 8.56 10.41
O4 MPD L . 20.01 9.91 10.06
C5 MPD L . 21.60 8.07 9.88
C8 4TX M . 0.89 11.67 -5.17
C6 4TX M . 0.09 12.22 -2.23
C5 4TX M . 0.28 11.92 -0.71
C1 4TX M . -1.21 12.17 1.30
C9 4TX M . 1.79 12.04 -6.17
C10 4TX M . 3.14 12.16 -5.96
C11 4TX M . 3.68 11.86 -4.69
O 4TX M . -2.81 12.31 3.07
C 4TX M . -2.55 11.83 1.90
O1 4TX M . -3.43 11.06 1.27
C2 4TX M . -1.07 13.67 1.23
C3 4TX M . -0.14 11.63 2.22
C4 4TX M . -1.11 11.60 -0.12
O2 4TX M . 0.58 11.00 -2.83
C7 4TX M . 1.43 11.40 -3.91
C12 4TX M . 2.77 11.46 -3.67
C13 4TX M . 3.34 11.18 -2.25
C14 4TX M . 1.21 12.34 -7.56
P PO4 N . -0.25 7.14 -4.45
O1 PO4 N . -0.35 8.00 -5.71
O2 PO4 N . -0.93 7.84 -3.23
O3 PO4 N . 1.22 6.93 -4.16
O4 PO4 N . -0.93 5.80 -4.72
#